data_4XYB
#
_entry.id   4XYB
#
_cell.length_a   58.056
_cell.length_b   113.804
_cell.length_c   116.191
_cell.angle_alpha   90.00
_cell.angle_beta   90.00
_cell.angle_gamma   90.00
#
_symmetry.space_group_name_H-M   'P 21 21 21'
#
loop_
_entity.id
_entity.type
_entity.pdbx_description
1 polymer 'Formate dehydrogenase'
2 non-polymer 'NADPH DIHYDRO-NICOTINAMIDE-ADENINE-DINUCLEOTIDE PHOSPHATE'
3 non-polymer 'AZIDE ION'
4 non-polymer 1,2-ETHANEDIOL
5 water water
#
_entity_poly.entity_id   1
_entity_poly.type   'polypeptide(L)'
_entity_poly.pdbx_seq_one_letter_code
;MAKVLCVLYDDPTSGYPPLYARNAIPKIERYPDGQTVPNPKHIDFVPGELLGCVSGELGLRSYLEDLGHTFIVTSDKEGP
NSVFEKELPDADIVISQPFWPAYLTAERIAKAKKLKLALTAGIGSDHVDLNAAIKAGITVAEETFSNGICVAEHAVMMIL
ALVRNYLPSHKIAEEGGWNIADCVSRSYDLEGMHVGTVAAGRIGLAVLRRLKPFDVKLHYTARHRSPRAIEDELGLTYHA
TAEEMAEVCDVISIHAPLYPATEHLFNAKVLNKMRHGSYLVNTARAEICDRDDIVRALESGQLAGYAGDVWFPQPAPANH
PWRNMPHNGMTPHMSGSSLSGQARYAAGTREILECWFENRPIRDEYLIVSNGKLAGTGAKSYGVGEAPKGK
;
_entity_poly.pdbx_strand_id   A,B
#
loop_
_chem_comp.id
_chem_comp.type
_chem_comp.name
_chem_comp.formula
AZI non-polymer 'AZIDE ION' 'N3 -1'
EDO non-polymer 1,2-ETHANEDIOL 'C2 H6 O2'
NDP non-polymer 'NADPH DIHYDRO-NICOTINAMIDE-ADENINE-DINUCLEOTIDE PHOSPHATE' 'C21 H30 N7 O17 P3'
#
# COMPACT_ATOMS: atom_id res chain seq x y z
N ALA A 2 -19.06 37.97 -14.20
CA ALA A 2 -18.64 36.86 -15.03
C ALA A 2 -19.51 35.64 -14.80
N LYS A 3 -19.56 34.76 -15.79
CA LYS A 3 -20.26 33.48 -15.70
C LYS A 3 -19.22 32.37 -15.53
N VAL A 4 -19.33 31.66 -14.42
CA VAL A 4 -18.43 30.56 -14.09
C VAL A 4 -19.18 29.24 -14.25
N LEU A 5 -18.69 28.41 -15.17
CA LEU A 5 -19.32 27.12 -15.47
C LEU A 5 -18.43 26.03 -14.91
N CYS A 6 -18.98 25.25 -13.97
CA CYS A 6 -18.20 24.32 -13.18
C CYS A 6 -18.79 22.91 -13.28
N VAL A 7 -17.96 21.96 -13.70
CA VAL A 7 -18.38 20.58 -13.88
C VAL A 7 -17.76 19.74 -12.75
N LEU A 8 -18.60 19.08 -11.96
CA LEU A 8 -18.16 18.29 -10.80
C LEU A 8 -18.81 16.92 -10.89
N TYR A 9 -18.29 15.93 -10.16
CA TYR A 9 -18.90 14.61 -10.20
C TYR A 9 -20.16 14.54 -9.34
N ASP A 10 -20.96 13.50 -9.57
CA ASP A 10 -22.20 13.34 -8.83
C ASP A 10 -21.99 13.14 -7.32
N ASP A 11 -23.00 13.51 -6.53
CA ASP A 11 -22.99 13.28 -5.10
C ASP A 11 -22.88 11.80 -4.75
N PRO A 12 -22.48 11.50 -3.50
CA PRO A 12 -22.44 10.09 -3.07
C PRO A 12 -23.79 9.42 -3.21
N THR A 13 -23.76 8.12 -3.46
CA THR A 13 -24.97 7.31 -3.56
C THR A 13 -25.85 7.43 -2.31
N SER A 14 -25.21 7.52 -1.15
N SER A 14 -25.24 7.49 -1.14
CA SER A 14 -25.90 7.59 0.14
CA SER A 14 -26.02 7.55 0.10
C SER A 14 -26.61 8.92 0.35
C SER A 14 -26.60 8.94 0.39
N GLY A 15 -26.21 9.93 -0.41
CA GLY A 15 -26.71 11.28 -0.21
C GLY A 15 -25.57 12.22 0.17
N TYR A 16 -25.91 13.50 0.34
CA TYR A 16 -24.93 14.52 0.68
C TYR A 16 -25.44 15.35 1.85
N PRO A 17 -24.58 15.60 2.86
CA PRO A 17 -23.18 15.17 2.95
C PRO A 17 -23.06 13.69 3.28
N PRO A 18 -21.91 13.08 2.98
CA PRO A 18 -21.72 11.68 3.36
C PRO A 18 -21.49 11.55 4.87
N LEU A 19 -21.55 10.34 5.40
CA LEU A 19 -21.22 10.12 6.80
C LEU A 19 -19.72 10.03 6.97
N TYR A 20 -19.11 11.12 7.42
CA TYR A 20 -17.65 11.18 7.51
C TYR A 20 -17.11 10.27 8.59
N ALA A 21 -16.02 9.58 8.28
CA ALA A 21 -15.40 8.66 9.23
C ALA A 21 -14.72 9.39 10.39
N ARG A 22 -14.24 10.61 10.13
CA ARG A 22 -13.53 11.40 11.12
C ARG A 22 -13.91 12.85 10.96
N ASN A 23 -13.58 13.66 11.95
CA ASN A 23 -14.06 15.04 11.96
CA ASN A 23 -14.06 15.04 12.00
C ASN A 23 -13.01 16.11 11.67
N ALA A 24 -11.78 15.69 11.43
CA ALA A 24 -10.72 16.66 11.11
C ALA A 24 -9.61 15.96 10.33
N ILE A 25 -8.84 16.75 9.60
CA ILE A 25 -7.66 16.23 8.90
C ILE A 25 -6.43 17.03 9.30
N PRO A 26 -5.23 16.48 9.05
CA PRO A 26 -4.01 17.20 9.41
C PRO A 26 -3.88 18.55 8.73
N LYS A 27 -3.16 19.47 9.39
CA LYS A 27 -2.84 20.77 8.81
C LYS A 27 -1.55 20.68 8.00
N ILE A 28 -1.63 21.07 6.73
CA ILE A 28 -0.47 21.08 5.83
C ILE A 28 -0.18 22.53 5.42
N GLU A 29 1.06 22.99 5.56
CA GLU A 29 1.38 24.39 5.28
C GLU A 29 2.31 24.57 4.08
N ARG A 30 3.16 23.58 3.86
CA ARG A 30 4.10 23.63 2.74
CA ARG A 30 4.09 23.64 2.74
C ARG A 30 4.28 22.29 2.08
N TYR A 31 4.63 22.32 0.81
CA TYR A 31 4.98 21.12 0.08
C TYR A 31 6.48 20.86 0.24
N PRO A 32 6.92 19.64 -0.10
CA PRO A 32 8.31 19.25 0.17
C PRO A 32 9.36 20.13 -0.50
N ASP A 33 9.03 20.83 -1.58
CA ASP A 33 10.02 21.65 -2.27
C ASP A 33 10.03 23.08 -1.77
N GLY A 34 9.20 23.38 -0.77
CA GLY A 34 9.11 24.74 -0.24
C GLY A 34 7.92 25.56 -0.71
N GLN A 35 7.23 25.11 -1.77
CA GLN A 35 6.05 25.85 -2.23
C GLN A 35 5.01 25.90 -1.11
N THR A 36 4.40 27.06 -0.91
CA THR A 36 3.34 27.19 0.08
C THR A 36 2.04 26.59 -0.45
N VAL A 37 1.23 26.04 0.46
CA VAL A 37 -0.14 25.67 0.12
C VAL A 37 -0.93 26.91 -0.29
N PRO A 38 -2.10 26.72 -0.91
CA PRO A 38 -2.84 27.88 -1.40
C PRO A 38 -3.16 28.91 -0.32
N ASN A 39 -3.20 30.18 -0.73
CA ASN A 39 -3.42 31.28 0.19
C ASN A 39 -4.59 32.19 -0.20
N PRO A 40 -5.78 31.59 -0.42
CA PRO A 40 -6.95 32.46 -0.65
C PRO A 40 -7.21 33.29 0.60
N LYS A 41 -7.87 34.43 0.43
CA LYS A 41 -8.19 35.29 1.58
CA LYS A 41 -8.16 35.27 1.58
C LYS A 41 -9.02 34.55 2.62
N HIS A 42 -9.96 33.74 2.15
CA HIS A 42 -10.82 32.95 3.02
C HIS A 42 -11.14 31.64 2.34
N ILE A 43 -11.58 30.66 3.13
CA ILE A 43 -12.27 29.48 2.59
C ILE A 43 -13.64 29.32 3.24
N ASP A 44 -14.59 28.82 2.46
CA ASP A 44 -15.96 28.64 2.97
CA ASP A 44 -15.96 28.65 2.90
C ASP A 44 -16.30 27.16 3.13
N PHE A 45 -15.35 26.42 3.69
CA PHE A 45 -15.54 25.01 4.03
C PHE A 45 -14.59 24.65 5.17
N VAL A 46 -14.85 23.51 5.81
CA VAL A 46 -13.92 22.96 6.78
C VAL A 46 -13.10 21.90 6.06
N PRO A 47 -11.76 21.99 6.12
CA PRO A 47 -10.95 20.96 5.46
C PRO A 47 -11.38 19.58 5.92
N GLY A 48 -11.56 18.66 4.98
CA GLY A 48 -12.10 17.35 5.29
C GLY A 48 -13.49 17.13 4.72
N GLU A 49 -14.20 18.19 4.40
CA GLU A 49 -15.49 18.04 3.74
C GLU A 49 -15.35 17.56 2.30
N LEU A 50 -16.39 16.90 1.81
CA LEU A 50 -16.45 16.50 0.41
C LEU A 50 -16.83 17.71 -0.45
N LEU A 51 -15.91 18.13 -1.31
CA LEU A 51 -16.06 19.37 -2.07
C LEU A 51 -16.22 19.17 -3.56
N GLY A 52 -15.76 18.03 -4.07
CA GLY A 52 -15.64 17.83 -5.50
C GLY A 52 -16.87 17.31 -6.21
N CYS A 53 -17.97 17.16 -5.48
CA CYS A 53 -19.22 16.72 -6.10
C CYS A 53 -20.16 17.90 -6.26
N VAL A 54 -21.25 17.68 -6.98
CA VAL A 54 -22.19 18.74 -7.31
C VAL A 54 -22.63 19.55 -6.09
N SER A 55 -23.02 18.89 -5.01
CA SER A 55 -23.47 19.64 -3.83
C SER A 55 -22.32 20.30 -3.06
N GLY A 56 -21.11 19.81 -3.24
CA GLY A 56 -19.95 20.39 -2.57
C GLY A 56 -19.53 21.71 -3.19
N GLU A 57 -19.65 21.83 -4.51
CA GLU A 57 -19.44 23.10 -5.22
C GLU A 57 -18.05 23.72 -5.07
N LEU A 58 -17.08 22.90 -4.66
CA LEU A 58 -15.73 23.39 -4.36
C LEU A 58 -15.74 24.53 -3.34
N GLY A 59 -16.84 24.69 -2.60
CA GLY A 59 -16.97 25.77 -1.63
C GLY A 59 -16.96 27.17 -2.22
N LEU A 60 -17.40 27.32 -3.48
CA LEU A 60 -17.25 28.57 -4.20
C LEU A 60 -18.49 29.47 -4.32
N ARG A 61 -19.68 28.96 -4.05
CA ARG A 61 -20.88 29.72 -4.45
C ARG A 61 -21.02 31.09 -3.79
N SER A 62 -20.91 31.17 -2.47
CA SER A 62 -21.06 32.45 -1.77
CA SER A 62 -21.07 32.45 -1.78
C SER A 62 -20.01 33.46 -2.23
N TYR A 63 -18.76 33.01 -2.34
CA TYR A 63 -17.68 33.86 -2.81
C TYR A 63 -18.05 34.49 -4.16
N LEU A 64 -18.47 33.65 -5.10
CA LEU A 64 -18.76 34.12 -6.45
C LEU A 64 -20.02 35.00 -6.53
N GLU A 65 -21.09 34.57 -5.91
CA GLU A 65 -22.35 35.30 -6.01
C GLU A 65 -22.32 36.63 -5.27
N ASP A 66 -21.58 36.68 -4.16
CA ASP A 66 -21.45 37.94 -3.42
C ASP A 66 -20.75 39.02 -4.26
N LEU A 67 -19.92 38.59 -5.21
CA LEU A 67 -19.24 39.50 -6.14
C LEU A 67 -20.07 39.79 -7.39
N GLY A 68 -21.26 39.22 -7.47
CA GLY A 68 -22.13 39.42 -8.63
C GLY A 68 -21.91 38.48 -9.79
N HIS A 69 -21.06 37.47 -9.60
CA HIS A 69 -20.82 36.48 -10.66
C HIS A 69 -21.92 35.43 -10.63
N THR A 70 -22.12 34.75 -11.75
CA THR A 70 -23.02 33.60 -11.77
C THR A 70 -22.21 32.32 -11.74
N PHE A 71 -22.76 31.29 -11.11
CA PHE A 71 -22.04 30.05 -10.84
C PHE A 71 -22.97 28.90 -11.15
N ILE A 72 -22.65 28.16 -12.20
CA ILE A 72 -23.45 27.02 -12.65
C ILE A 72 -22.65 25.76 -12.42
N VAL A 73 -23.20 24.83 -11.64
CA VAL A 73 -22.54 23.58 -11.33
C VAL A 73 -23.35 22.42 -11.88
N THR A 74 -22.70 21.55 -12.64
CA THR A 74 -23.38 20.40 -13.22
C THR A 74 -22.43 19.21 -13.28
N SER A 75 -22.98 18.00 -13.30
CA SER A 75 -22.19 16.82 -13.65
C SER A 75 -22.40 16.41 -15.10
N ASP A 76 -23.36 17.02 -15.78
CA ASP A 76 -23.78 16.57 -17.11
C ASP A 76 -22.86 17.15 -18.19
N LYS A 77 -21.96 16.32 -18.72
CA LYS A 77 -20.84 16.84 -19.51
C LYS A 77 -20.61 16.20 -20.87
N GLU A 78 -21.41 15.19 -21.22
CA GLU A 78 -21.17 14.41 -22.44
CA GLU A 78 -21.16 14.43 -22.45
C GLU A 78 -22.02 14.88 -23.62
N GLY A 79 -21.34 15.21 -24.74
CA GLY A 79 -22.03 15.54 -25.97
C GLY A 79 -22.56 16.95 -26.07
N PRO A 80 -23.11 17.31 -27.24
CA PRO A 80 -23.56 18.68 -27.52
C PRO A 80 -24.87 19.05 -26.82
N ASN A 81 -25.58 18.07 -26.27
CA ASN A 81 -26.81 18.34 -25.54
C ASN A 81 -26.67 18.31 -24.01
N SER A 82 -25.44 18.19 -23.54
CA SER A 82 -25.17 18.25 -22.10
C SER A 82 -25.38 19.66 -21.56
N VAL A 83 -25.71 19.77 -20.28
CA VAL A 83 -25.72 21.07 -19.63
C VAL A 83 -24.40 21.80 -19.91
N PHE A 84 -23.28 21.07 -19.80
CA PHE A 84 -22.00 21.71 -20.03
C PHE A 84 -21.93 22.38 -21.40
N GLU A 85 -22.18 21.62 -22.46
CA GLU A 85 -22.04 22.22 -23.79
C GLU A 85 -23.07 23.29 -24.07
N LYS A 86 -24.27 23.16 -23.51
CA LYS A 86 -25.30 24.17 -23.70
C LYS A 86 -24.96 25.48 -23.02
N GLU A 87 -24.28 25.41 -21.88
CA GLU A 87 -23.92 26.61 -21.13
C GLU A 87 -22.58 27.21 -21.56
N LEU A 88 -21.79 26.42 -22.28
CA LEU A 88 -20.43 26.81 -22.63
C LEU A 88 -20.29 28.10 -23.45
N PRO A 89 -21.22 28.35 -24.41
CA PRO A 89 -20.97 29.46 -25.33
C PRO A 89 -20.80 30.84 -24.69
N ASP A 90 -21.38 31.08 -23.51
CA ASP A 90 -21.18 32.37 -22.88
C ASP A 90 -20.50 32.30 -21.52
N ALA A 91 -19.82 31.19 -21.25
CA ALA A 91 -19.06 31.06 -20.01
C ALA A 91 -17.72 31.79 -20.11
N ASP A 92 -17.42 32.65 -19.14
CA ASP A 92 -16.13 33.34 -19.08
C ASP A 92 -15.03 32.43 -18.52
N ILE A 93 -15.42 31.57 -17.57
CA ILE A 93 -14.51 30.70 -16.86
C ILE A 93 -15.12 29.31 -16.82
N VAL A 94 -14.30 28.29 -17.14
CA VAL A 94 -14.71 26.91 -16.99
C VAL A 94 -13.82 26.24 -15.96
N ILE A 95 -14.42 25.54 -15.01
CA ILE A 95 -13.69 24.77 -14.02
C ILE A 95 -14.13 23.31 -14.10
N SER A 96 -13.19 22.38 -14.17
CA SER A 96 -13.52 20.98 -13.90
C SER A 96 -12.31 20.27 -13.31
N GLN A 97 -12.56 19.08 -12.77
CA GLN A 97 -11.52 18.23 -12.18
C GLN A 97 -11.15 17.11 -13.15
N PRO A 98 -9.89 16.67 -13.12
CA PRO A 98 -9.49 15.54 -13.97
C PRO A 98 -10.32 14.27 -13.72
N PHE A 99 -10.87 14.12 -12.51
CA PHE A 99 -11.59 12.90 -12.13
C PHE A 99 -12.93 12.77 -12.86
N TRP A 100 -13.43 13.89 -13.36
CA TRP A 100 -14.72 13.94 -14.06
C TRP A 100 -14.59 15.12 -15.01
N PRO A 101 -13.80 14.95 -16.07
CA PRO A 101 -13.28 16.12 -16.77
C PRO A 101 -14.21 16.64 -17.86
N ALA A 102 -14.39 17.96 -17.87
CA ALA A 102 -15.12 18.60 -18.98
C ALA A 102 -14.11 18.84 -20.09
N TYR A 103 -14.10 17.93 -21.07
CA TYR A 103 -13.10 18.00 -22.11
C TYR A 103 -13.26 19.27 -22.95
N LEU A 104 -12.18 20.03 -23.07
CA LEU A 104 -12.21 21.23 -23.90
C LEU A 104 -11.47 20.94 -25.19
N THR A 105 -12.17 20.26 -26.10
CA THR A 105 -11.66 19.96 -27.43
C THR A 105 -11.54 21.25 -28.23
N ALA A 106 -10.84 21.19 -29.36
CA ALA A 106 -10.75 22.36 -30.24
C ALA A 106 -12.14 22.84 -30.66
N GLU A 107 -13.04 21.90 -30.93
CA GLU A 107 -14.39 22.24 -31.37
C GLU A 107 -15.19 22.94 -30.27
N ARG A 108 -15.07 22.46 -29.03
CA ARG A 108 -15.73 23.12 -27.92
C ARG A 108 -15.12 24.49 -27.65
N ILE A 109 -13.80 24.60 -27.77
CA ILE A 109 -13.16 25.89 -27.57
C ILE A 109 -13.65 26.90 -28.61
N ALA A 110 -13.84 26.45 -29.85
CA ALA A 110 -14.38 27.35 -30.87
C ALA A 110 -15.79 27.85 -30.50
N LYS A 111 -16.60 26.98 -29.88
CA LYS A 111 -17.96 27.34 -29.47
C LYS A 111 -17.98 28.26 -28.25
N ALA A 112 -16.87 28.30 -27.53
CA ALA A 112 -16.81 28.99 -26.24
C ALA A 112 -16.42 30.44 -26.44
N LYS A 113 -17.39 31.26 -26.85
CA LYS A 113 -17.10 32.61 -27.35
C LYS A 113 -16.61 33.58 -26.28
N LYS A 114 -16.90 33.30 -25.01
CA LYS A 114 -16.50 34.17 -23.93
C LYS A 114 -15.38 33.57 -23.07
N LEU A 115 -14.95 32.36 -23.40
CA LEU A 115 -14.03 31.64 -22.53
C LEU A 115 -12.65 32.28 -22.49
N LYS A 116 -12.22 32.68 -21.30
CA LYS A 116 -10.89 33.28 -21.11
C LYS A 116 -10.02 32.56 -20.09
N LEU A 117 -10.63 31.78 -19.20
CA LEU A 117 -9.87 31.04 -18.19
C LEU A 117 -10.41 29.62 -18.07
N ALA A 118 -9.54 28.66 -18.36
CA ALA A 118 -9.85 27.25 -18.17
C ALA A 118 -9.07 26.77 -16.96
N LEU A 119 -9.80 26.52 -15.89
CA LEU A 119 -9.19 26.23 -14.61
C LEU A 119 -9.39 24.75 -14.26
N THR A 120 -8.28 24.05 -14.07
CA THR A 120 -8.31 22.67 -13.61
C THR A 120 -8.36 22.70 -12.09
N ALA A 121 -9.34 21.99 -11.52
CA ALA A 121 -9.42 21.77 -10.08
C ALA A 121 -8.74 20.44 -9.81
N GLY A 122 -7.45 20.53 -9.49
CA GLY A 122 -6.55 19.38 -9.41
C GLY A 122 -5.27 19.70 -10.18
N ILE A 123 -4.63 18.65 -10.69
CA ILE A 123 -3.37 18.76 -11.43
C ILE A 123 -3.49 17.95 -12.72
N GLY A 124 -3.07 18.54 -13.83
CA GLY A 124 -3.05 17.86 -15.11
C GLY A 124 -4.12 18.43 -16.01
N SER A 125 -3.73 19.19 -17.01
CA SER A 125 -4.70 19.94 -17.81
C SER A 125 -4.83 19.39 -19.23
N ASP A 126 -4.46 18.13 -19.40
CA ASP A 126 -4.50 17.44 -20.70
C ASP A 126 -5.92 17.21 -21.25
N HIS A 127 -6.94 17.41 -20.41
CA HIS A 127 -8.32 17.34 -20.92
C HIS A 127 -8.68 18.62 -21.68
N VAL A 128 -7.76 19.59 -21.70
CA VAL A 128 -7.88 20.79 -22.51
C VAL A 128 -6.94 20.67 -23.69
N ASP A 129 -7.43 21.02 -24.88
CA ASP A 129 -6.56 21.06 -26.05
C ASP A 129 -5.68 22.30 -25.91
N LEU A 130 -4.43 22.12 -25.48
CA LEU A 130 -3.58 23.27 -25.16
C LEU A 130 -3.20 24.07 -26.39
N ASN A 131 -3.06 23.41 -27.53
CA ASN A 131 -2.80 24.13 -28.77
C ASN A 131 -3.98 25.04 -29.14
N ALA A 132 -5.19 24.53 -28.96
CA ALA A 132 -6.38 25.34 -29.23
C ALA A 132 -6.50 26.49 -28.22
N ALA A 133 -6.16 26.23 -26.96
CA ALA A 133 -6.19 27.26 -25.94
C ALA A 133 -5.18 28.36 -26.25
N ILE A 134 -4.00 27.95 -26.67
CA ILE A 134 -2.96 28.88 -27.07
C ILE A 134 -3.46 29.81 -28.18
N LYS A 135 -4.05 29.23 -29.21
CA LYS A 135 -4.52 30.02 -30.35
C LYS A 135 -5.65 30.97 -29.96
N ALA A 136 -6.51 30.53 -29.05
CA ALA A 136 -7.69 31.29 -28.63
C ALA A 136 -7.38 32.34 -27.58
N GLY A 137 -6.15 32.34 -27.07
CA GLY A 137 -5.78 33.28 -26.02
C GLY A 137 -6.43 33.00 -24.66
N ILE A 138 -6.68 31.73 -24.39
CA ILE A 138 -7.26 31.29 -23.13
C ILE A 138 -6.14 30.98 -22.14
N THR A 139 -6.27 31.45 -20.92
CA THR A 139 -5.36 31.08 -19.85
C THR A 139 -5.77 29.72 -19.28
N VAL A 140 -4.80 28.82 -19.10
CA VAL A 140 -5.04 27.50 -18.53
C VAL A 140 -4.20 27.42 -17.27
N ALA A 141 -4.82 27.07 -16.14
CA ALA A 141 -4.10 27.01 -14.87
C ALA A 141 -4.58 25.84 -14.04
N GLU A 142 -3.79 25.43 -13.06
CA GLU A 142 -4.12 24.29 -12.20
C GLU A 142 -3.42 24.49 -10.86
N GLU A 143 -3.82 23.73 -9.83
CA GLU A 143 -3.25 23.94 -8.51
C GLU A 143 -2.06 23.02 -8.28
N THR A 144 -0.94 23.43 -8.85
CA THR A 144 0.32 22.71 -8.77
C THR A 144 0.62 22.22 -7.34
N PHE A 145 1.00 20.95 -7.23
CA PHE A 145 1.30 20.28 -5.96
C PHE A 145 0.10 20.02 -5.03
N SER A 146 -1.09 20.55 -5.35
CA SER A 146 -2.22 20.44 -4.43
C SER A 146 -2.54 19.01 -4.01
N ASN A 147 -2.42 18.05 -4.93
CA ASN A 147 -2.80 16.69 -4.59
C ASN A 147 -1.71 15.68 -4.96
N GLY A 148 -0.50 16.17 -5.17
CA GLY A 148 0.62 15.33 -5.54
C GLY A 148 1.02 14.31 -4.50
N ILE A 149 1.01 14.69 -3.22
CA ILE A 149 1.38 13.74 -2.19
C ILE A 149 0.33 12.61 -2.13
N CYS A 150 -0.93 12.96 -2.36
CA CYS A 150 -2.01 11.98 -2.40
C CYS A 150 -1.69 10.90 -3.42
N VAL A 151 -1.25 11.34 -4.60
CA VAL A 151 -0.92 10.44 -5.69
C VAL A 151 0.28 9.57 -5.33
N ALA A 152 1.30 10.18 -4.72
CA ALA A 152 2.51 9.43 -4.36
C ALA A 152 2.16 8.29 -3.41
N GLU A 153 1.28 8.57 -2.44
CA GLU A 153 0.84 7.54 -1.52
C GLU A 153 0.12 6.41 -2.26
N HIS A 154 -0.82 6.79 -3.12
CA HIS A 154 -1.63 5.82 -3.86
C HIS A 154 -0.73 4.94 -4.73
N ALA A 155 0.27 5.56 -5.37
CA ALA A 155 1.19 4.82 -6.24
C ALA A 155 2.01 3.78 -5.47
N VAL A 156 2.58 4.18 -4.33
CA VAL A 156 3.33 3.22 -3.52
C VAL A 156 2.43 2.10 -3.00
N MET A 157 1.23 2.46 -2.56
CA MET A 157 0.24 1.48 -2.14
C MET A 157 -0.03 0.46 -3.24
N MET A 158 -0.21 0.94 -4.47
CA MET A 158 -0.46 0.05 -5.62
C MET A 158 0.74 -0.83 -5.96
N ILE A 159 1.95 -0.27 -5.89
CA ILE A 159 3.14 -1.08 -6.11
C ILE A 159 3.15 -2.26 -5.13
N LEU A 160 2.98 -1.98 -3.85
CA LEU A 160 2.97 -3.03 -2.84
C LEU A 160 1.84 -4.04 -3.07
N ALA A 161 0.63 -3.55 -3.35
CA ALA A 161 -0.50 -4.46 -3.55
C ALA A 161 -0.23 -5.41 -4.70
N LEU A 162 0.37 -4.91 -5.78
CA LEU A 162 0.66 -5.78 -6.92
C LEU A 162 1.73 -6.81 -6.59
N VAL A 163 2.86 -6.35 -6.10
CA VAL A 163 3.97 -7.26 -5.88
C VAL A 163 3.62 -8.33 -4.84
N ARG A 164 2.85 -7.94 -3.82
CA ARG A 164 2.53 -8.84 -2.72
C ARG A 164 1.27 -9.67 -2.92
N ASN A 165 0.53 -9.41 -4.01
CA ASN A 165 -0.70 -10.15 -4.32
C ASN A 165 -1.83 -9.89 -3.32
N TYR A 166 -1.99 -8.63 -2.92
CA TYR A 166 -2.97 -8.26 -1.90
C TYR A 166 -4.42 -8.51 -2.35
N LEU A 167 -4.79 -8.04 -3.53
CA LEU A 167 -6.20 -7.98 -3.88
C LEU A 167 -6.87 -9.37 -4.00
N PRO A 168 -6.24 -10.31 -4.70
CA PRO A 168 -6.83 -11.65 -4.75
C PRO A 168 -6.87 -12.31 -3.36
N SER A 169 -5.89 -12.00 -2.53
CA SER A 169 -5.83 -12.59 -1.19
C SER A 169 -6.93 -12.04 -0.28
N HIS A 170 -7.22 -10.74 -0.40
CA HIS A 170 -8.34 -10.17 0.35
C HIS A 170 -9.65 -10.84 -0.07
N LYS A 171 -9.80 -11.14 -1.36
CA LYS A 171 -11.00 -11.82 -1.83
C LYS A 171 -11.15 -13.20 -1.17
N ILE A 172 -10.04 -13.94 -1.08
CA ILE A 172 -10.06 -15.23 -0.37
C ILE A 172 -10.50 -15.08 1.08
N ALA A 173 -9.98 -14.07 1.79
CA ALA A 173 -10.45 -13.81 3.14
C ALA A 173 -11.96 -13.54 3.20
N GLU A 174 -12.45 -12.67 2.33
CA GLU A 174 -13.87 -12.31 2.33
C GLU A 174 -14.77 -13.51 2.02
N GLU A 175 -14.29 -14.41 1.17
CA GLU A 175 -15.13 -15.48 0.66
C GLU A 175 -15.06 -16.76 1.48
N GLY A 176 -14.27 -16.76 2.55
CA GLY A 176 -14.25 -17.88 3.47
C GLY A 176 -13.07 -18.82 3.39
N GLY A 177 -12.13 -18.54 2.50
CA GLY A 177 -10.99 -19.42 2.30
C GLY A 177 -9.81 -19.17 3.21
N TRP A 178 -8.75 -19.95 3.01
CA TRP A 178 -7.50 -19.75 3.72
C TRP A 178 -6.42 -19.83 2.65
N ASN A 179 -6.14 -21.03 2.16
CA ASN A 179 -5.50 -21.18 0.87
C ASN A 179 -4.20 -20.40 0.76
N ILE A 180 -3.30 -20.65 1.72
CA ILE A 180 -2.08 -19.88 1.75
C ILE A 180 -1.29 -20.04 0.45
N ALA A 181 -1.19 -21.26 -0.06
CA ALA A 181 -0.44 -21.49 -1.28
C ALA A 181 -0.98 -20.66 -2.46
N ASP A 182 -2.30 -20.57 -2.56
CA ASP A 182 -2.91 -19.76 -3.61
C ASP A 182 -2.54 -18.29 -3.42
N CYS A 183 -2.60 -17.81 -2.18
CA CYS A 183 -2.27 -16.41 -1.89
C CYS A 183 -0.82 -16.08 -2.22
N VAL A 184 0.10 -16.97 -1.87
CA VAL A 184 1.51 -16.62 -1.96
C VAL A 184 2.21 -17.11 -3.21
N SER A 185 1.52 -17.89 -4.03
CA SER A 185 2.13 -18.39 -5.25
C SER A 185 2.57 -17.27 -6.19
N ARG A 186 2.00 -16.06 -5.99
CA ARG A 186 2.38 -14.87 -6.74
C ARG A 186 2.74 -13.71 -5.81
N SER A 187 3.15 -14.01 -4.59
CA SER A 187 3.47 -12.97 -3.62
C SER A 187 4.97 -12.82 -3.42
N TYR A 188 5.49 -11.65 -3.75
CA TYR A 188 6.91 -11.32 -3.58
C TYR A 188 7.08 -10.14 -2.66
N ASP A 189 8.27 -9.99 -2.09
CA ASP A 189 8.64 -8.74 -1.42
C ASP A 189 9.14 -7.73 -2.45
N LEU A 190 8.94 -6.46 -2.14
CA LEU A 190 9.51 -5.37 -2.93
C LEU A 190 11.02 -5.21 -2.69
N GLU A 191 11.46 -5.54 -1.47
CA GLU A 191 12.85 -5.35 -1.06
C GLU A 191 13.84 -5.88 -2.11
N GLY A 192 14.79 -5.03 -2.48
CA GLY A 192 15.85 -5.44 -3.38
C GLY A 192 15.51 -5.41 -4.86
N MET A 193 14.25 -5.17 -5.19
N MET A 193 14.25 -5.17 -5.20
CA MET A 193 13.86 -5.02 -6.58
CA MET A 193 13.86 -5.03 -6.59
C MET A 193 14.38 -3.70 -7.15
C MET A 193 14.38 -3.72 -7.15
N HIS A 194 14.48 -3.65 -8.48
CA HIS A 194 14.81 -2.41 -9.17
C HIS A 194 13.50 -1.71 -9.48
N VAL A 195 13.35 -0.48 -9.01
CA VAL A 195 12.12 0.28 -9.20
C VAL A 195 12.47 1.61 -9.83
N GLY A 196 11.76 1.98 -10.89
CA GLY A 196 12.02 3.23 -11.57
C GLY A 196 10.79 4.08 -11.73
N THR A 197 10.98 5.40 -11.75
CA THR A 197 9.89 6.30 -12.08
C THR A 197 10.11 6.95 -13.44
N VAL A 198 9.01 7.11 -14.17
CA VAL A 198 9.04 7.98 -15.34
C VAL A 198 8.76 9.39 -14.83
N ALA A 199 9.79 10.22 -14.90
CA ALA A 199 9.83 11.56 -14.30
C ALA A 199 10.22 11.54 -12.82
N ALA A 200 10.94 12.58 -12.42
CA ALA A 200 11.25 12.83 -11.03
C ALA A 200 10.80 14.25 -10.69
N GLY A 201 9.58 14.58 -11.11
CA GLY A 201 8.98 15.87 -10.79
C GLY A 201 8.39 15.87 -9.39
N ARG A 202 7.38 16.68 -9.16
CA ARG A 202 6.84 16.80 -7.80
C ARG A 202 6.35 15.45 -7.28
N ILE A 203 5.55 14.74 -8.07
CA ILE A 203 5.05 13.44 -7.63
C ILE A 203 6.13 12.35 -7.76
N GLY A 204 6.86 12.32 -8.86
CA GLY A 204 7.88 11.29 -9.02
C GLY A 204 8.92 11.31 -7.93
N LEU A 205 9.38 12.50 -7.55
CA LEU A 205 10.36 12.60 -6.46
C LEU A 205 9.75 12.16 -5.13
N ALA A 206 8.50 12.54 -4.88
CA ALA A 206 7.81 12.10 -3.65
C ALA A 206 7.72 10.58 -3.60
N VAL A 207 7.49 9.96 -4.74
CA VAL A 207 7.44 8.50 -4.81
C VAL A 207 8.82 7.88 -4.56
N LEU A 208 9.85 8.41 -5.23
CA LEU A 208 11.21 7.92 -5.01
C LEU A 208 11.60 8.01 -3.53
N ARG A 209 11.25 9.11 -2.89
CA ARG A 209 11.55 9.28 -1.46
C ARG A 209 10.82 8.26 -0.59
N ARG A 210 9.55 7.98 -0.90
CA ARG A 210 8.79 7.00 -0.15
C ARG A 210 9.28 5.58 -0.41
N LEU A 211 9.85 5.34 -1.59
CA LEU A 211 10.39 4.02 -1.91
C LEU A 211 11.74 3.74 -1.25
N LYS A 212 12.53 4.78 -1.01
CA LYS A 212 13.90 4.58 -0.56
C LYS A 212 14.05 3.61 0.64
N PRO A 213 13.26 3.79 1.72
CA PRO A 213 13.48 2.90 2.87
C PRO A 213 12.98 1.48 2.66
N PHE A 214 12.37 1.20 1.51
CA PHE A 214 12.02 -0.17 1.18
C PHE A 214 13.24 -0.95 0.69
N ASP A 215 14.39 -0.27 0.63
CA ASP A 215 15.66 -0.89 0.23
C ASP A 215 15.58 -1.50 -1.17
N VAL A 216 14.99 -0.72 -2.07
CA VAL A 216 14.98 -1.04 -3.49
C VAL A 216 16.12 -0.30 -4.18
N LYS A 217 16.42 -0.71 -5.41
CA LYS A 217 17.41 -0.02 -6.21
C LYS A 217 16.68 0.93 -7.15
N LEU A 218 16.95 2.22 -7.00
CA LEU A 218 16.13 3.26 -7.62
C LEU A 218 16.65 3.76 -8.96
N HIS A 219 15.73 3.91 -9.90
CA HIS A 219 16.01 4.39 -11.24
C HIS A 219 15.00 5.48 -11.62
N TYR A 220 15.37 6.32 -12.58
CA TYR A 220 14.40 7.24 -13.15
C TYR A 220 14.79 7.61 -14.56
N THR A 221 13.80 8.10 -15.30
CA THR A 221 14.07 8.71 -16.59
C THR A 221 13.34 10.04 -16.63
N ALA A 222 13.89 10.98 -17.38
CA ALA A 222 13.36 12.34 -17.49
C ALA A 222 14.08 13.00 -18.65
N ARG A 223 13.52 14.09 -19.16
CA ARG A 223 14.18 14.78 -20.27
C ARG A 223 15.41 15.52 -19.79
N HIS A 224 15.39 15.94 -18.52
CA HIS A 224 16.45 16.76 -17.96
C HIS A 224 16.86 16.13 -16.64
N ARG A 225 18.14 15.85 -16.51
CA ARG A 225 18.64 15.16 -15.33
C ARG A 225 18.39 15.96 -14.05
N SER A 226 18.02 15.25 -12.99
CA SER A 226 17.86 15.87 -11.68
C SER A 226 19.22 16.33 -11.13
N PRO A 227 19.20 17.27 -10.18
CA PRO A 227 20.46 17.71 -9.55
C PRO A 227 21.24 16.54 -8.95
N ARG A 228 22.57 16.63 -9.02
CA ARG A 228 23.42 15.59 -8.46
C ARG A 228 23.11 15.34 -6.98
N ALA A 229 22.72 16.39 -6.26
CA ALA A 229 22.42 16.27 -4.84
C ALA A 229 21.23 15.34 -4.61
N ILE A 230 20.24 15.40 -5.50
CA ILE A 230 19.07 14.54 -5.40
C ILE A 230 19.44 13.10 -5.74
N GLU A 231 20.21 12.93 -6.81
CA GLU A 231 20.66 11.60 -7.22
C GLU A 231 21.49 10.95 -6.11
N ASP A 232 22.34 11.73 -5.46
CA ASP A 232 23.14 11.23 -4.34
C ASP A 232 22.28 10.91 -3.11
N GLU A 233 21.32 11.79 -2.82
CA GLU A 233 20.41 11.58 -1.68
C GLU A 233 19.77 10.19 -1.74
N LEU A 234 19.30 9.83 -2.93
CA LEU A 234 18.40 8.69 -3.09
C LEU A 234 19.05 7.48 -3.75
N GLY A 235 20.30 7.62 -4.19
CA GLY A 235 20.97 6.54 -4.88
C GLY A 235 20.34 6.26 -6.24
N LEU A 236 20.05 7.32 -6.99
CA LEU A 236 19.35 7.19 -8.26
C LEU A 236 20.28 6.84 -9.42
N THR A 237 19.81 5.94 -10.29
CA THR A 237 20.42 5.72 -11.58
C THR A 237 19.55 6.35 -12.65
N TYR A 238 20.12 7.23 -13.46
CA TYR A 238 19.40 7.93 -14.52
C TYR A 238 19.46 7.16 -15.83
N HIS A 239 18.35 7.18 -16.57
CA HIS A 239 18.30 6.64 -17.92
C HIS A 239 17.75 7.69 -18.87
N ALA A 240 18.38 7.83 -20.03
CA ALA A 240 17.98 8.83 -21.00
C ALA A 240 16.58 8.59 -21.57
N THR A 241 16.15 7.33 -21.57
CA THR A 241 14.85 6.97 -22.16
C THR A 241 14.11 5.94 -21.32
N ALA A 242 12.79 5.90 -21.48
CA ALA A 242 11.97 4.90 -20.81
C ALA A 242 12.36 3.48 -21.24
N GLU A 243 12.66 3.31 -22.53
CA GLU A 243 13.06 2.01 -23.05
C GLU A 243 14.27 1.46 -22.31
N GLU A 244 15.28 2.31 -22.11
CA GLU A 244 16.47 1.89 -21.41
C GLU A 244 16.17 1.54 -19.95
N MET A 245 15.31 2.33 -19.31
CA MET A 245 14.96 2.04 -17.92
C MET A 245 14.19 0.74 -17.82
N ALA A 246 13.30 0.50 -18.79
CA ALA A 246 12.50 -0.73 -18.81
C ALA A 246 13.37 -1.98 -18.81
N GLU A 247 14.54 -1.90 -19.43
CA GLU A 247 15.41 -3.07 -19.51
C GLU A 247 15.86 -3.58 -18.15
N VAL A 248 15.94 -2.70 -17.16
CA VAL A 248 16.55 -3.05 -15.89
C VAL A 248 15.62 -3.01 -14.68
N CYS A 249 14.39 -2.54 -14.87
CA CYS A 249 13.47 -2.41 -13.74
C CYS A 249 12.49 -3.56 -13.58
N ASP A 250 12.27 -3.95 -12.34
CA ASP A 250 11.21 -4.89 -11.99
C ASP A 250 9.83 -4.23 -11.89
N VAL A 251 9.84 -2.97 -11.46
CA VAL A 251 8.64 -2.18 -11.26
C VAL A 251 8.90 -0.79 -11.83
N ILE A 252 7.94 -0.26 -12.58
CA ILE A 252 7.97 1.14 -13.01
C ILE A 252 6.67 1.82 -12.60
N SER A 253 6.80 3.05 -12.15
CA SER A 253 5.65 3.90 -11.83
C SER A 253 5.75 5.17 -12.67
N ILE A 254 4.69 5.51 -13.37
CA ILE A 254 4.68 6.64 -14.30
C ILE A 254 4.20 7.94 -13.63
N HIS A 255 4.94 9.03 -13.82
CA HIS A 255 4.62 10.30 -13.19
C HIS A 255 4.90 11.52 -14.08
N ALA A 256 4.73 11.34 -15.38
CA ALA A 256 4.88 12.45 -16.33
C ALA A 256 3.50 12.98 -16.73
N PRO A 257 3.44 14.21 -17.27
CA PRO A 257 2.17 14.73 -17.79
C PRO A 257 1.87 14.12 -19.15
N LEU A 258 0.62 14.23 -19.60
CA LEU A 258 0.20 13.75 -20.91
C LEU A 258 0.23 14.89 -21.92
N TYR A 259 1.00 14.69 -22.99
CA TYR A 259 1.03 15.62 -24.12
C TYR A 259 1.64 14.79 -25.27
N PRO A 260 1.78 15.37 -26.48
CA PRO A 260 2.12 14.46 -27.59
C PRO A 260 3.36 13.57 -27.38
N ALA A 261 4.44 14.10 -26.82
CA ALA A 261 5.65 13.31 -26.63
C ALA A 261 5.50 12.13 -25.67
N THR A 262 4.55 12.23 -24.74
CA THR A 262 4.35 11.15 -23.79
C THR A 262 3.16 10.24 -24.14
N GLU A 263 2.39 10.61 -25.16
CA GLU A 263 1.25 9.79 -25.56
C GLU A 263 1.76 8.43 -26.09
N HIS A 264 1.24 7.36 -25.50
CA HIS A 264 1.62 6.00 -25.88
C HIS A 264 3.12 5.75 -25.73
N LEU A 265 3.74 6.44 -24.79
CA LEU A 265 5.13 6.17 -24.44
C LEU A 265 5.31 4.73 -23.99
N PHE A 266 4.42 4.27 -23.12
CA PHE A 266 4.46 2.89 -22.67
C PHE A 266 3.59 1.99 -23.53
N ASN A 267 4.13 1.69 -24.70
CA ASN A 267 3.48 0.78 -25.62
C ASN A 267 4.27 -0.52 -25.69
N ALA A 268 3.88 -1.40 -26.61
CA ALA A 268 4.48 -2.72 -26.69
C ALA A 268 6.01 -2.68 -26.76
N LYS A 269 6.56 -1.74 -27.52
CA LYS A 269 8.02 -1.69 -27.68
C LYS A 269 8.73 -1.51 -26.35
N VAL A 270 8.18 -0.67 -25.48
CA VAL A 270 8.77 -0.45 -24.17
C VAL A 270 8.45 -1.60 -23.21
N LEU A 271 7.19 -2.02 -23.20
CA LEU A 271 6.77 -3.09 -22.31
C LEU A 271 7.60 -4.35 -22.52
N ASN A 272 7.87 -4.65 -23.78
CA ASN A 272 8.59 -5.88 -24.13
C ASN A 272 10.07 -5.83 -23.78
N LYS A 273 10.58 -4.65 -23.45
CA LYS A 273 11.96 -4.55 -22.97
C LYS A 273 12.11 -5.07 -21.54
N MET A 274 11.01 -5.09 -20.79
CA MET A 274 11.06 -5.52 -19.40
C MET A 274 11.23 -7.03 -19.29
N ARG A 275 11.79 -7.46 -18.16
CA ARG A 275 11.83 -8.86 -17.78
C ARG A 275 10.39 -9.40 -17.69
N HIS A 276 10.17 -10.63 -18.16
CA HIS A 276 8.87 -11.27 -17.99
C HIS A 276 8.48 -11.26 -16.51
N GLY A 277 7.26 -10.80 -16.22
CA GLY A 277 6.76 -10.76 -14.86
C GLY A 277 7.02 -9.45 -14.13
N SER A 278 7.26 -8.39 -14.89
CA SER A 278 7.46 -7.06 -14.30
C SER A 278 6.13 -6.40 -13.93
N TYR A 279 6.21 -5.28 -13.23
CA TYR A 279 5.02 -4.58 -12.74
C TYR A 279 5.02 -3.13 -13.22
N LEU A 280 3.83 -2.63 -13.53
CA LEU A 280 3.68 -1.25 -13.97
C LEU A 280 2.53 -0.58 -13.23
N VAL A 281 2.81 0.60 -12.68
CA VAL A 281 1.80 1.41 -12.01
C VAL A 281 1.70 2.73 -12.76
N ASN A 282 0.46 3.17 -13.00
CA ASN A 282 0.23 4.41 -13.73
C ASN A 282 -0.86 5.24 -13.07
N THR A 283 -0.43 6.17 -12.24
CA THR A 283 -1.27 7.17 -11.59
C THR A 283 -1.05 8.53 -12.23
N ALA A 284 -0.52 8.53 -13.46
CA ALA A 284 -0.28 9.78 -14.18
C ALA A 284 -1.48 10.07 -15.08
N ARG A 285 -1.46 9.55 -16.30
CA ARG A 285 -2.59 9.62 -17.24
C ARG A 285 -2.61 8.35 -18.06
N ALA A 286 -3.81 7.84 -18.32
CA ALA A 286 -3.98 6.56 -19.00
C ALA A 286 -3.28 6.51 -20.36
N GLU A 287 -3.39 7.57 -21.14
CA GLU A 287 -2.93 7.56 -22.52
C GLU A 287 -1.41 7.67 -22.65
N ILE A 288 -0.70 7.76 -21.52
CA ILE A 288 0.74 7.56 -21.56
C ILE A 288 1.05 6.10 -21.87
N CYS A 289 0.13 5.21 -21.51
CA CYS A 289 0.20 3.82 -21.93
C CYS A 289 -0.63 3.60 -23.18
N ASP A 290 -0.29 2.57 -23.94
CA ASP A 290 -1.17 2.13 -25.01
C ASP A 290 -2.15 1.10 -24.40
N ARG A 291 -3.43 1.44 -24.42
CA ARG A 291 -4.47 0.70 -23.72
C ARG A 291 -4.43 -0.80 -24.00
N ASP A 292 -4.42 -1.17 -25.29
CA ASP A 292 -4.53 -2.56 -25.67
C ASP A 292 -3.21 -3.31 -25.53
N ASP A 293 -2.09 -2.60 -25.64
CA ASP A 293 -0.79 -3.21 -25.37
C ASP A 293 -0.69 -3.64 -23.90
N ILE A 294 -1.25 -2.84 -23.00
CA ILE A 294 -1.27 -3.21 -21.59
C ILE A 294 -2.05 -4.51 -21.39
N VAL A 295 -3.23 -4.61 -22.01
CA VAL A 295 -4.01 -5.83 -21.90
C VAL A 295 -3.22 -7.04 -22.39
N ARG A 296 -2.59 -6.92 -23.56
CA ARG A 296 -1.82 -8.03 -24.10
C ARG A 296 -0.65 -8.42 -23.18
N ALA A 297 0.02 -7.44 -22.58
CA ALA A 297 1.14 -7.73 -21.70
C ALA A 297 0.69 -8.52 -20.47
N LEU A 298 -0.50 -8.21 -19.94
CA LEU A 298 -1.02 -8.95 -18.80
C LEU A 298 -1.52 -10.33 -19.21
N GLU A 299 -2.12 -10.44 -20.39
CA GLU A 299 -2.60 -11.74 -20.86
C GLU A 299 -1.45 -12.73 -21.09
N SER A 300 -0.28 -12.24 -21.46
CA SER A 300 0.86 -13.12 -21.73
C SER A 300 1.75 -13.32 -20.51
N GLY A 301 1.56 -12.49 -19.48
CA GLY A 301 2.43 -12.52 -18.31
C GLY A 301 3.68 -11.67 -18.45
N GLN A 302 3.86 -11.01 -19.60
CA GLN A 302 4.98 -10.08 -19.75
C GLN A 302 4.96 -9.09 -18.58
N LEU A 303 3.78 -8.56 -18.27
CA LEU A 303 3.54 -7.90 -16.98
C LEU A 303 2.88 -8.89 -16.05
N ALA A 304 3.40 -9.01 -14.84
CA ALA A 304 2.74 -9.75 -13.78
C ALA A 304 1.59 -8.97 -13.17
N GLY A 305 1.60 -7.65 -13.33
CA GLY A 305 0.54 -6.83 -12.74
C GLY A 305 0.58 -5.41 -13.27
N TYR A 306 -0.59 -4.80 -13.31
CA TYR A 306 -0.74 -3.39 -13.67
C TYR A 306 -1.75 -2.78 -12.72
N ALA A 307 -1.49 -1.55 -12.27
CA ALA A 307 -2.47 -0.84 -11.45
C ALA A 307 -2.36 0.65 -11.68
N GLY A 308 -3.50 1.33 -11.57
CA GLY A 308 -3.52 2.78 -11.64
C GLY A 308 -4.92 3.23 -11.35
N ASP A 309 -5.06 4.55 -11.27
CA ASP A 309 -6.38 5.14 -11.04
C ASP A 309 -6.89 5.92 -12.24
N VAL A 310 -6.09 5.99 -13.31
CA VAL A 310 -6.42 6.82 -14.46
C VAL A 310 -6.76 5.99 -15.70
N TRP A 311 -7.73 6.48 -16.47
CA TRP A 311 -8.34 5.74 -17.58
C TRP A 311 -8.54 6.68 -18.76
N PHE A 312 -8.86 6.11 -19.90
CA PHE A 312 -9.31 6.92 -21.01
C PHE A 312 -10.40 6.21 -21.79
N PRO A 313 -11.49 6.94 -22.09
CA PRO A 313 -11.78 8.29 -21.61
C PRO A 313 -12.27 8.24 -20.16
N GLN A 314 -12.61 9.39 -19.60
CA GLN A 314 -13.18 9.43 -18.25
C GLN A 314 -14.51 10.14 -18.23
N PRO A 315 -15.53 9.51 -17.65
CA PRO A 315 -15.45 8.22 -16.95
C PRO A 315 -15.23 7.05 -17.92
N ALA A 316 -14.58 6.01 -17.42
CA ALA A 316 -14.35 4.84 -18.24
C ALA A 316 -15.68 4.14 -18.47
N PRO A 317 -15.96 3.72 -19.72
CA PRO A 317 -17.20 2.96 -19.93
C PRO A 317 -17.23 1.67 -19.10
N ALA A 318 -18.42 1.14 -18.86
CA ALA A 318 -18.55 -0.07 -18.04
C ALA A 318 -17.79 -1.24 -18.66
N ASN A 319 -17.63 -1.22 -19.99
CA ASN A 319 -16.95 -2.29 -20.71
C ASN A 319 -15.46 -2.06 -20.96
N HIS A 320 -14.90 -1.01 -20.37
CA HIS A 320 -13.48 -0.69 -20.58
C HIS A 320 -12.61 -1.91 -20.24
N PRO A 321 -11.65 -2.25 -21.14
CA PRO A 321 -10.92 -3.50 -20.97
C PRO A 321 -9.99 -3.54 -19.75
N TRP A 322 -9.67 -2.39 -19.17
CA TRP A 322 -8.80 -2.40 -18.00
C TRP A 322 -9.49 -2.86 -16.72
N ARG A 323 -10.82 -2.90 -16.73
CA ARG A 323 -11.56 -3.29 -15.52
C ARG A 323 -11.35 -4.74 -15.12
N ASN A 324 -11.34 -5.63 -16.11
CA ASN A 324 -11.26 -7.05 -15.80
C ASN A 324 -10.15 -7.80 -16.51
N MET A 325 -9.16 -7.07 -17.02
CA MET A 325 -7.95 -7.73 -17.50
C MET A 325 -7.27 -8.42 -16.33
N PRO A 326 -6.48 -9.46 -16.61
CA PRO A 326 -5.89 -10.21 -15.50
C PRO A 326 -4.93 -9.38 -14.67
N HIS A 327 -4.83 -9.72 -13.39
CA HIS A 327 -3.77 -9.21 -12.51
C HIS A 327 -3.71 -7.70 -12.45
N ASN A 328 -4.88 -7.08 -12.27
CA ASN A 328 -4.94 -5.62 -12.19
C ASN A 328 -5.30 -5.15 -10.79
N GLY A 329 -4.84 -3.95 -10.44
CA GLY A 329 -5.19 -3.34 -9.17
C GLY A 329 -5.86 -1.98 -9.33
N MET A 330 -6.70 -1.84 -10.35
CA MET A 330 -7.27 -0.54 -10.69
C MET A 330 -8.20 0.03 -9.63
N THR A 331 -8.26 1.36 -9.58
CA THR A 331 -9.39 2.06 -8.96
C THR A 331 -9.91 3.07 -9.98
N PRO A 332 -11.13 3.58 -9.78
CA PRO A 332 -11.53 4.77 -10.54
C PRO A 332 -10.58 5.93 -10.21
N HIS A 333 -10.69 7.03 -10.95
CA HIS A 333 -9.75 8.13 -10.79
C HIS A 333 -10.03 8.92 -9.51
N MET A 334 -9.30 8.54 -8.46
CA MET A 334 -9.60 8.99 -7.10
C MET A 334 -8.43 9.54 -6.31
N SER A 335 -7.18 9.21 -6.68
CA SER A 335 -6.10 9.49 -5.75
C SER A 335 -5.97 10.99 -5.47
N GLY A 336 -6.02 11.79 -6.52
CA GLY A 336 -5.93 13.23 -6.35
C GLY A 336 -7.17 13.86 -5.75
N SER A 337 -8.22 13.07 -5.55
CA SER A 337 -9.47 13.56 -4.95
C SER A 337 -9.72 12.96 -3.56
N SER A 338 -8.68 12.54 -2.85
CA SER A 338 -8.86 12.25 -1.44
C SER A 338 -9.43 13.51 -0.76
N LEU A 339 -10.10 13.35 0.38
CA LEU A 339 -10.67 14.51 1.04
C LEU A 339 -9.56 15.50 1.42
N SER A 340 -8.39 14.96 1.77
CA SER A 340 -7.25 15.79 2.13
C SER A 340 -6.77 16.62 0.92
N GLY A 341 -6.67 15.99 -0.24
CA GLY A 341 -6.30 16.70 -1.45
C GLY A 341 -7.33 17.74 -1.87
N GLN A 342 -8.60 17.38 -1.76
CA GLN A 342 -9.66 18.31 -2.15
C GLN A 342 -9.58 19.63 -1.39
N ALA A 343 -9.24 19.56 -0.10
CA ALA A 343 -9.16 20.79 0.68
C ALA A 343 -8.15 21.75 0.05
N ARG A 344 -7.04 21.20 -0.42
CA ARG A 344 -6.00 22.03 -1.01
C ARG A 344 -6.36 22.50 -2.41
N TYR A 345 -6.84 21.62 -3.28
CA TYR A 345 -7.16 22.12 -4.61
C TYR A 345 -8.37 23.05 -4.65
N ALA A 346 -9.33 22.84 -3.76
CA ALA A 346 -10.46 23.77 -3.66
C ALA A 346 -10.00 25.15 -3.18
N ALA A 347 -9.10 25.17 -2.19
CA ALA A 347 -8.54 26.43 -1.71
C ALA A 347 -7.74 27.11 -2.82
N GLY A 348 -7.00 26.33 -3.60
CA GLY A 348 -6.22 26.90 -4.69
C GLY A 348 -7.07 27.40 -5.83
N THR A 349 -8.18 26.70 -6.10
CA THR A 349 -9.12 27.16 -7.12
C THR A 349 -9.63 28.55 -6.75
N ARG A 350 -10.02 28.72 -5.48
CA ARG A 350 -10.45 30.03 -5.01
C ARG A 350 -9.33 31.06 -5.08
N GLU A 351 -8.12 30.68 -4.65
CA GLU A 351 -6.99 31.61 -4.72
C GLU A 351 -6.80 32.14 -6.13
N ILE A 352 -6.85 31.24 -7.11
CA ILE A 352 -6.68 31.62 -8.50
C ILE A 352 -7.79 32.56 -8.96
N LEU A 353 -9.03 32.25 -8.59
CA LEU A 353 -10.15 33.11 -8.95
C LEU A 353 -10.01 34.50 -8.33
N GLU A 354 -9.57 34.58 -7.08
CA GLU A 354 -9.37 35.87 -6.43
C GLU A 354 -8.34 36.69 -7.20
N CYS A 355 -7.23 36.07 -7.57
CA CYS A 355 -6.23 36.77 -8.35
C CYS A 355 -6.81 37.25 -9.67
N TRP A 356 -7.48 36.35 -10.38
CA TRP A 356 -8.06 36.68 -11.68
C TRP A 356 -9.00 37.87 -11.57
N PHE A 357 -9.96 37.81 -10.64
CA PHE A 357 -10.96 38.86 -10.54
C PHE A 357 -10.36 40.18 -10.05
N GLU A 358 -9.26 40.11 -9.31
CA GLU A 358 -8.65 41.31 -8.74
C GLU A 358 -7.52 41.86 -9.61
N ASN A 359 -7.36 41.31 -10.81
CA ASN A 359 -6.32 41.75 -11.73
C ASN A 359 -4.92 41.64 -11.11
N ARG A 360 -4.68 40.55 -10.40
CA ARG A 360 -3.36 40.22 -9.88
C ARG A 360 -2.89 38.93 -10.53
N PRO A 361 -1.58 38.70 -10.56
CA PRO A 361 -1.09 37.51 -11.26
C PRO A 361 -1.58 36.21 -10.62
N ILE A 362 -1.93 35.25 -11.47
CA ILE A 362 -2.03 33.87 -11.02
C ILE A 362 -0.61 33.38 -10.76
N ARG A 363 -0.37 32.65 -9.67
CA ARG A 363 1.00 32.21 -9.38
C ARG A 363 1.64 31.59 -10.61
N ASP A 364 2.89 31.97 -10.88
CA ASP A 364 3.62 31.36 -11.98
C ASP A 364 3.55 29.83 -11.96
N GLU A 365 3.73 29.23 -10.79
CA GLU A 365 3.75 27.76 -10.74
C GLU A 365 2.41 27.13 -11.08
N TYR A 366 1.32 27.90 -10.99
CA TYR A 366 -0.02 27.38 -11.35
C TYR A 366 -0.28 27.46 -12.85
N LEU A 367 0.48 28.27 -13.58
CA LEU A 367 0.19 28.48 -14.99
C LEU A 367 0.61 27.32 -15.87
N ILE A 368 -0.25 27.01 -16.85
CA ILE A 368 0.06 26.04 -17.90
C ILE A 368 0.17 26.76 -19.25
N VAL A 369 -0.86 27.56 -19.59
CA VAL A 369 -0.87 28.41 -20.78
C VAL A 369 -1.26 29.83 -20.37
N SER A 370 -0.54 30.81 -20.90
CA SER A 370 -0.87 32.20 -20.64
C SER A 370 -0.35 33.05 -21.80
N ASN A 371 -1.18 33.97 -22.28
CA ASN A 371 -0.75 34.92 -23.29
CA ASN A 371 -0.75 34.92 -23.30
C ASN A 371 -0.25 34.25 -24.57
N GLY A 372 -0.95 33.21 -25.00
CA GLY A 372 -0.67 32.55 -26.26
C GLY A 372 0.57 31.68 -26.32
N LYS A 373 0.99 31.14 -25.18
CA LYS A 373 2.12 30.21 -25.16
C LYS A 373 2.05 29.38 -23.89
N LEU A 374 2.73 28.24 -23.88
CA LEU A 374 2.99 27.54 -22.63
C LEU A 374 3.70 28.52 -21.70
N ALA A 375 3.34 28.52 -20.43
CA ALA A 375 3.89 29.44 -19.44
C ALA A 375 4.03 28.74 -18.11
N GLY A 376 4.84 29.32 -17.22
CA GLY A 376 5.01 28.78 -15.88
C GLY A 376 5.34 27.31 -15.89
N THR A 377 4.61 26.53 -15.09
CA THR A 377 4.84 25.09 -15.05
C THR A 377 4.57 24.42 -16.39
N GLY A 378 3.60 24.93 -17.15
CA GLY A 378 3.35 24.39 -18.48
C GLY A 378 4.58 24.40 -19.37
N ALA A 379 5.32 25.51 -19.34
CA ALA A 379 6.53 25.63 -20.15
C ALA A 379 7.62 24.67 -19.68
N LYS A 380 7.61 24.34 -18.39
CA LYS A 380 8.65 23.48 -17.81
C LYS A 380 8.34 21.99 -17.90
N SER A 381 7.06 21.62 -17.95
CA SER A 381 6.67 20.21 -17.86
C SER A 381 5.98 19.64 -19.09
N TYR A 382 5.42 20.51 -19.93
CA TYR A 382 4.65 20.10 -21.09
C TYR A 382 5.34 20.46 -22.40
N GLY A 383 4.84 19.86 -23.48
CA GLY A 383 5.16 20.25 -24.84
C GLY A 383 3.88 20.33 -25.64
N VAL A 384 3.92 21.01 -26.78
CA VAL A 384 2.76 21.10 -27.65
C VAL A 384 3.11 20.67 -29.07
N GLY A 385 4.39 20.43 -29.31
CA GLY A 385 4.84 19.95 -30.60
C GLY A 385 4.17 18.64 -30.97
N ALA B 2 17.04 -39.89 13.23
CA ALA B 2 15.96 -39.15 13.89
C ALA B 2 14.72 -39.06 13.02
N LYS B 3 13.57 -38.84 13.66
CA LYS B 3 12.31 -38.65 12.98
C LYS B 3 11.90 -37.20 13.01
N VAL B 4 11.74 -36.61 11.82
CA VAL B 4 11.35 -35.22 11.68
C VAL B 4 9.92 -35.17 11.16
N LEU B 5 9.04 -34.58 11.98
CA LEU B 5 7.62 -34.48 11.65
C LEU B 5 7.33 -33.03 11.29
N CYS B 6 6.87 -32.82 10.05
CA CYS B 6 6.77 -31.48 9.48
C CYS B 6 5.37 -31.21 8.92
N VAL B 7 4.71 -30.19 9.46
CA VAL B 7 3.37 -29.81 9.03
C VAL B 7 3.46 -28.57 8.13
N LEU B 8 2.93 -28.70 6.91
CA LEU B 8 2.96 -27.62 5.91
C LEU B 8 1.55 -27.44 5.35
N TYR B 9 1.28 -26.31 4.72
CA TYR B 9 -0.05 -26.10 4.14
C TYR B 9 -0.22 -26.85 2.82
N ASP B 10 -1.46 -26.95 2.37
CA ASP B 10 -1.75 -27.69 1.14
C ASP B 10 -1.15 -27.00 -0.09
N ASP B 11 -0.91 -27.81 -1.12
CA ASP B 11 -0.46 -27.32 -2.41
C ASP B 11 -1.47 -26.34 -3.02
N PRO B 12 -1.02 -25.53 -3.98
CA PRO B 12 -1.94 -24.63 -4.71
C PRO B 12 -3.08 -25.43 -5.32
N THR B 13 -4.23 -24.79 -5.40
CA THR B 13 -5.41 -25.40 -6.02
C THR B 13 -5.12 -25.87 -7.45
N SER B 14 -4.29 -25.11 -8.16
CA SER B 14 -3.96 -25.39 -9.56
C SER B 14 -3.03 -26.60 -9.71
N GLY B 15 -2.40 -27.01 -8.62
CA GLY B 15 -1.40 -28.06 -8.66
C GLY B 15 -0.01 -27.53 -8.32
N TYR B 16 0.96 -28.43 -8.20
CA TYR B 16 2.33 -28.05 -7.88
C TYR B 16 3.27 -28.55 -8.97
N PRO B 17 4.22 -27.72 -9.41
CA PRO B 17 4.46 -26.35 -8.95
C PRO B 17 3.43 -25.38 -9.54
N PRO B 18 3.28 -24.21 -8.93
CA PRO B 18 2.40 -23.21 -9.53
C PRO B 18 3.07 -22.61 -10.76
N LEU B 19 2.32 -21.86 -11.55
CA LEU B 19 2.89 -21.11 -12.66
C LEU B 19 3.49 -19.82 -12.14
N TYR B 20 4.81 -19.80 -11.99
CA TYR B 20 5.50 -18.65 -11.42
C TYR B 20 5.42 -17.45 -12.33
N ALA B 21 5.15 -16.28 -11.74
CA ALA B 21 5.12 -15.03 -12.49
C ALA B 21 6.52 -14.59 -12.95
N ARG B 22 7.54 -14.95 -12.17
CA ARG B 22 8.93 -14.62 -12.51
C ARG B 22 9.80 -15.79 -12.06
N ASN B 23 11.05 -15.79 -12.55
N ASN B 23 11.03 -15.85 -12.58
CA ASN B 23 11.95 -16.94 -12.38
CA ASN B 23 11.88 -17.00 -12.27
C ASN B 23 13.11 -16.72 -11.41
C ASN B 23 13.14 -16.69 -11.48
N ALA B 24 13.14 -15.54 -10.80
CA ALA B 24 14.23 -15.20 -9.88
C ALA B 24 13.77 -14.10 -8.95
N ILE B 25 14.40 -14.02 -7.79
CA ILE B 25 14.15 -12.97 -6.83
C ILE B 25 15.45 -12.32 -6.40
N PRO B 26 15.38 -11.12 -5.80
CA PRO B 26 16.60 -10.43 -5.39
C PRO B 26 17.42 -11.22 -4.38
N LYS B 27 18.74 -11.02 -4.40
CA LYS B 27 19.60 -11.64 -3.41
C LYS B 27 19.76 -10.72 -2.21
N ILE B 28 19.39 -11.23 -1.04
CA ILE B 28 19.53 -10.53 0.24
C ILE B 28 20.63 -11.22 1.06
N GLU B 29 21.57 -10.45 1.61
CA GLU B 29 22.68 -11.05 2.35
C GLU B 29 22.70 -10.68 3.83
N ARG B 30 22.14 -9.52 4.16
N ARG B 30 22.09 -9.54 4.14
CA ARG B 30 22.12 -9.06 5.53
CA ARG B 30 22.15 -8.97 5.48
C ARG B 30 20.83 -8.35 5.84
C ARG B 30 20.82 -8.32 5.82
N TYR B 31 20.43 -8.42 7.09
CA TYR B 31 19.27 -7.72 7.61
C TYR B 31 19.72 -6.35 8.09
N PRO B 32 18.77 -5.42 8.30
CA PRO B 32 19.15 -4.03 8.57
C PRO B 32 19.95 -3.82 9.87
N ASP B 33 19.93 -4.76 10.80
CA ASP B 33 20.67 -4.58 12.05
C ASP B 33 22.06 -5.21 11.99
N GLY B 34 22.41 -5.80 10.84
CA GLY B 34 23.69 -6.45 10.68
C GLY B 34 23.68 -7.97 10.77
N GLN B 35 22.58 -8.55 11.24
CA GLN B 35 22.48 -10.01 11.27
C GLN B 35 22.60 -10.58 9.87
N THR B 36 23.39 -11.64 9.70
CA THR B 36 23.48 -12.29 8.39
C THR B 36 22.27 -13.16 8.11
N VAL B 37 21.92 -13.29 6.83
CA VAL B 37 20.89 -14.23 6.42
C VAL B 37 21.38 -15.64 6.71
N PRO B 38 20.47 -16.63 6.66
CA PRO B 38 20.90 -17.98 7.02
C PRO B 38 22.08 -18.49 6.19
N ASN B 39 22.91 -19.32 6.82
CA ASN B 39 24.10 -19.85 6.21
C ASN B 39 24.20 -21.38 6.26
N PRO B 40 23.16 -22.07 5.75
CA PRO B 40 23.28 -23.54 5.64
C PRO B 40 24.39 -23.89 4.65
N LYS B 41 24.92 -25.10 4.76
CA LYS B 41 25.98 -25.53 3.86
C LYS B 41 25.52 -25.50 2.41
N HIS B 42 24.27 -25.90 2.18
CA HIS B 42 23.68 -25.91 0.85
C HIS B 42 22.19 -25.67 0.98
N ILE B 43 21.56 -25.29 -0.13
CA ILE B 43 20.10 -25.34 -0.24
C ILE B 43 19.72 -26.15 -1.47
N ASP B 44 18.61 -26.88 -1.38
CA ASP B 44 18.15 -27.72 -2.48
C ASP B 44 16.91 -27.14 -3.16
N PHE B 45 16.94 -25.83 -3.37
CA PHE B 45 15.88 -25.14 -4.10
C PHE B 45 16.48 -23.89 -4.71
N VAL B 46 15.78 -23.32 -5.67
CA VAL B 46 16.13 -22.01 -6.21
C VAL B 46 15.25 -20.99 -5.49
N PRO B 47 15.87 -19.96 -4.89
CA PRO B 47 15.07 -18.95 -4.20
C PRO B 47 14.01 -18.41 -5.16
N GLY B 48 12.77 -18.37 -4.69
CA GLY B 48 11.65 -18.01 -5.55
C GLY B 48 10.67 -19.16 -5.71
N GLU B 49 11.11 -20.38 -5.42
CA GLU B 49 10.22 -21.52 -5.47
C GLU B 49 9.25 -21.54 -4.30
N LEU B 50 8.10 -22.17 -4.51
CA LEU B 50 7.13 -22.35 -3.43
C LEU B 50 7.58 -23.52 -2.55
N LEU B 51 7.87 -23.23 -1.29
CA LEU B 51 8.49 -24.18 -0.38
C LEU B 51 7.60 -24.59 0.78
N GLY B 52 6.62 -23.75 1.12
CA GLY B 52 5.87 -23.92 2.36
C GLY B 52 4.67 -24.82 2.30
N CYS B 53 4.41 -25.41 1.14
CA CYS B 53 3.33 -26.38 0.99
C CYS B 53 3.88 -27.81 1.00
N VAL B 54 2.98 -28.78 1.10
CA VAL B 54 3.35 -30.18 1.26
C VAL B 54 4.35 -30.65 0.20
N SER B 55 4.13 -30.29 -1.06
CA SER B 55 5.03 -30.72 -2.13
C SER B 55 6.35 -29.96 -2.13
N GLY B 56 6.36 -28.78 -1.54
CA GLY B 56 7.57 -27.98 -1.44
C GLY B 56 8.55 -28.48 -0.40
N GLU B 57 8.02 -29.02 0.70
CA GLU B 57 8.82 -29.73 1.70
C GLU B 57 9.90 -28.89 2.39
N LEU B 58 9.79 -27.57 2.28
CA LEU B 58 10.83 -26.64 2.77
C LEU B 58 12.19 -26.98 2.16
N GLY B 59 12.21 -27.74 1.07
CA GLY B 59 13.45 -28.14 0.42
C GLY B 59 14.31 -29.07 1.26
N LEU B 60 13.71 -29.80 2.19
CA LEU B 60 14.47 -30.55 3.19
C LEU B 60 14.62 -32.06 2.96
N ARG B 61 13.85 -32.64 2.03
CA ARG B 61 13.76 -34.11 2.01
C ARG B 61 15.08 -34.83 1.69
N SER B 62 15.75 -34.45 0.62
CA SER B 62 17.01 -35.11 0.27
C SER B 62 18.04 -34.95 1.38
N TYR B 63 18.13 -33.75 1.93
CA TYR B 63 19.07 -33.47 3.01
C TYR B 63 18.84 -34.46 4.15
N LEU B 64 17.59 -34.58 4.59
CA LEU B 64 17.27 -35.42 5.73
C LEU B 64 17.40 -36.91 5.43
N GLU B 65 16.88 -37.33 4.29
CA GLU B 65 16.86 -38.76 3.98
C GLU B 65 18.26 -39.30 3.66
N ASP B 66 19.09 -38.50 3.00
CA ASP B 66 20.46 -38.95 2.72
C ASP B 66 21.25 -39.16 4.01
N LEU B 67 20.83 -38.51 5.09
CA LEU B 67 21.50 -38.67 6.39
C LEU B 67 20.89 -39.81 7.21
N GLY B 68 19.88 -40.48 6.65
CA GLY B 68 19.23 -41.59 7.33
C GLY B 68 18.07 -41.21 8.21
N HIS B 69 17.71 -39.92 8.22
CA HIS B 69 16.56 -39.48 9.02
C HIS B 69 15.27 -39.79 8.29
N THR B 70 14.17 -39.94 9.03
CA THR B 70 12.86 -40.03 8.40
C THR B 70 12.18 -38.67 8.44
N PHE B 71 11.44 -38.36 7.38
CA PHE B 71 10.84 -37.04 7.19
C PHE B 71 9.39 -37.27 6.77
N ILE B 72 8.48 -36.95 7.68
CA ILE B 72 7.05 -37.06 7.39
C ILE B 72 6.47 -35.66 7.24
N VAL B 73 5.90 -35.40 6.06
CA VAL B 73 5.29 -34.11 5.73
C VAL B 73 3.78 -34.29 5.56
N THR B 74 2.99 -33.45 6.24
CA THR B 74 1.54 -33.54 6.17
C THR B 74 0.93 -32.17 6.37
N SER B 75 -0.28 -31.96 5.86
CA SER B 75 -1.05 -30.79 6.22
C SER B 75 -2.10 -31.12 7.27
N ASP B 76 -2.25 -32.41 7.58
CA ASP B 76 -3.32 -32.87 8.46
C ASP B 76 -2.95 -32.69 9.94
N LYS B 77 -3.49 -31.65 10.57
CA LYS B 77 -3.00 -31.22 11.88
C LYS B 77 -4.05 -31.10 12.98
N GLU B 78 -5.32 -31.34 12.67
CA GLU B 78 -6.37 -31.13 13.66
C GLU B 78 -6.83 -32.41 14.34
N GLY B 79 -6.85 -32.39 15.67
CA GLY B 79 -7.39 -33.49 16.45
C GLY B 79 -6.43 -34.65 16.66
N PRO B 80 -6.76 -35.55 17.58
CA PRO B 80 -5.85 -36.66 17.91
C PRO B 80 -5.72 -37.73 16.82
N ASN B 81 -6.62 -37.76 15.84
CA ASN B 81 -6.49 -38.71 14.73
C ASN B 81 -5.76 -38.14 13.52
N SER B 82 -5.33 -36.88 13.63
CA SER B 82 -4.58 -36.27 12.52
C SER B 82 -3.27 -37.02 12.32
N VAL B 83 -2.76 -37.00 11.09
CA VAL B 83 -1.42 -37.55 10.86
C VAL B 83 -0.42 -36.92 11.83
N PHE B 84 -0.53 -35.61 12.04
CA PHE B 84 0.36 -34.94 12.98
C PHE B 84 0.34 -35.57 14.37
N GLU B 85 -0.84 -35.69 14.98
CA GLU B 85 -0.86 -36.18 16.35
C GLU B 85 -0.56 -37.68 16.43
N LYS B 86 -0.89 -38.43 15.40
CA LYS B 86 -0.57 -39.86 15.37
C LYS B 86 0.93 -40.12 15.26
N GLU B 87 1.63 -39.25 14.53
CA GLU B 87 3.08 -39.42 14.34
C GLU B 87 3.88 -38.75 15.44
N LEU B 88 3.25 -37.88 16.21
CA LEU B 88 3.91 -37.09 17.23
C LEU B 88 4.64 -37.86 18.35
N PRO B 89 4.06 -38.98 18.85
CA PRO B 89 4.66 -39.62 20.02
C PRO B 89 6.12 -40.06 19.90
N ASP B 90 6.61 -40.33 18.69
CA ASP B 90 8.02 -40.71 18.54
C ASP B 90 8.80 -39.78 17.61
N ALA B 91 8.27 -38.58 17.39
CA ALA B 91 9.00 -37.55 16.66
C ALA B 91 10.08 -36.92 17.53
N ASP B 92 11.30 -36.83 17.00
CA ASP B 92 12.40 -36.16 17.70
C ASP B 92 12.35 -34.65 17.47
N ILE B 93 11.87 -34.26 16.28
CA ILE B 93 11.83 -32.86 15.86
C ILE B 93 10.48 -32.61 15.22
N VAL B 94 9.85 -31.49 15.57
CA VAL B 94 8.61 -31.07 14.94
C VAL B 94 8.86 -29.71 14.30
N ILE B 95 8.42 -29.57 13.05
CA ILE B 95 8.53 -28.30 12.32
C ILE B 95 7.15 -27.91 11.82
N SER B 96 6.76 -26.65 12.04
CA SER B 96 5.60 -26.12 11.32
C SER B 96 5.74 -24.62 11.18
N GLN B 97 4.93 -24.05 10.29
CA GLN B 97 4.93 -22.61 10.04
C GLN B 97 3.75 -21.94 10.76
N PRO B 98 3.91 -20.68 11.18
CA PRO B 98 2.77 -19.98 11.80
C PRO B 98 1.52 -19.90 10.90
N PHE B 99 1.69 -19.94 9.59
CA PHE B 99 0.58 -19.76 8.63
C PHE B 99 -0.36 -20.94 8.62
N TRP B 100 0.14 -22.09 9.06
CA TRP B 100 -0.64 -23.33 9.12
C TRP B 100 -0.03 -24.11 10.30
N PRO B 101 -0.35 -23.66 11.52
CA PRO B 101 0.48 -24.05 12.67
C PRO B 101 0.07 -25.34 13.33
N ALA B 102 1.05 -26.20 13.59
CA ALA B 102 0.80 -27.39 14.38
C ALA B 102 0.91 -27.00 15.84
N TYR B 103 -0.24 -26.79 16.47
CA TYR B 103 -0.27 -26.28 17.84
C TYR B 103 0.33 -27.30 18.80
N LEU B 104 1.35 -26.89 19.55
CA LEU B 104 1.94 -27.77 20.56
C LEU B 104 1.41 -27.38 21.93
N THR B 105 0.20 -27.84 22.22
CA THR B 105 -0.44 -27.64 23.50
C THR B 105 0.30 -28.42 24.58
N ALA B 106 0.02 -28.11 25.84
CA ALA B 106 0.65 -28.86 26.94
C ALA B 106 0.33 -30.35 26.80
N GLU B 107 -0.89 -30.67 26.39
CA GLU B 107 -1.31 -32.05 26.25
C GLU B 107 -0.55 -32.78 25.14
N ARG B 108 -0.33 -32.10 24.02
CA ARG B 108 0.43 -32.69 22.92
C ARG B 108 1.90 -32.87 23.30
N ILE B 109 2.45 -31.89 23.99
CA ILE B 109 3.84 -31.99 24.43
C ILE B 109 4.02 -33.19 25.37
N ALA B 110 3.03 -33.42 26.24
CA ALA B 110 3.09 -34.55 27.16
C ALA B 110 3.07 -35.88 26.41
N LYS B 111 2.35 -35.93 25.28
CA LYS B 111 2.29 -37.10 24.42
C LYS B 111 3.58 -37.32 23.63
N ALA B 112 4.35 -36.25 23.45
CA ALA B 112 5.52 -36.27 22.56
C ALA B 112 6.76 -36.76 23.29
N LYS B 113 6.84 -38.07 23.49
CA LYS B 113 7.84 -38.67 24.37
C LYS B 113 9.28 -38.47 23.91
N LYS B 114 9.49 -38.27 22.62
CA LYS B 114 10.85 -38.17 22.07
C LYS B 114 11.18 -36.76 21.61
N LEU B 115 10.24 -35.83 21.76
CA LEU B 115 10.43 -34.49 21.22
C LEU B 115 11.53 -33.71 21.91
N LYS B 116 12.50 -33.24 21.13
CA LYS B 116 13.61 -32.46 21.66
C LYS B 116 13.74 -31.07 21.07
N LEU B 117 13.26 -30.90 19.83
CA LEU B 117 13.36 -29.61 19.13
C LEU B 117 12.02 -29.30 18.46
N ALA B 118 11.43 -28.16 18.86
CA ALA B 118 10.25 -27.62 18.21
C ALA B 118 10.71 -26.42 17.39
N LEU B 119 10.67 -26.58 16.07
CA LEU B 119 11.23 -25.60 15.15
C LEU B 119 10.11 -24.89 14.41
N THR B 120 10.04 -23.58 14.59
CA THR B 120 9.14 -22.75 13.81
C THR B 120 9.81 -22.41 12.49
N ALA B 121 9.10 -22.65 11.39
CA ALA B 121 9.55 -22.23 10.08
C ALA B 121 8.85 -20.90 9.80
N GLY B 122 9.57 -19.83 10.09
CA GLY B 122 9.00 -18.49 10.17
C GLY B 122 9.43 -17.81 11.46
N ILE B 123 8.61 -16.89 11.94
CA ILE B 123 8.88 -16.12 13.15
C ILE B 123 7.63 -16.08 14.00
N GLY B 124 7.77 -16.33 15.30
CA GLY B 124 6.66 -16.29 16.24
C GLY B 124 6.29 -17.68 16.68
N SER B 125 6.61 -18.04 17.93
CA SER B 125 6.48 -19.41 18.39
C SER B 125 5.36 -19.58 19.41
N ASP B 126 4.41 -18.64 19.41
CA ASP B 126 3.29 -18.66 20.34
C ASP B 126 2.30 -19.82 20.12
N HIS B 127 2.42 -20.53 19.00
CA HIS B 127 1.62 -21.74 18.80
C HIS B 127 2.18 -22.91 19.60
N VAL B 128 3.31 -22.70 20.25
CA VAL B 128 3.89 -23.65 21.19
C VAL B 128 3.62 -23.15 22.59
N ASP B 129 3.16 -24.04 23.47
CA ASP B 129 3.00 -23.68 24.88
C ASP B 129 4.42 -23.62 25.48
N LEU B 130 4.92 -22.42 25.69
CA LEU B 130 6.33 -22.26 26.10
C LEU B 130 6.59 -22.74 27.53
N ASN B 131 5.59 -22.61 28.40
CA ASN B 131 5.73 -23.16 29.75
C ASN B 131 5.85 -24.67 29.71
N ALA B 132 5.07 -25.31 28.85
CA ALA B 132 5.14 -26.77 28.70
C ALA B 132 6.47 -27.18 28.06
N ALA B 133 6.95 -26.37 27.11
CA ALA B 133 8.23 -26.68 26.47
C ALA B 133 9.37 -26.57 27.49
N ILE B 134 9.33 -25.52 28.30
CA ILE B 134 10.31 -25.34 29.37
C ILE B 134 10.30 -26.55 30.31
N LYS B 135 9.11 -26.98 30.71
CA LYS B 135 8.99 -28.12 31.62
C LYS B 135 9.53 -29.41 31.01
N ALA B 136 9.32 -29.58 29.71
CA ALA B 136 9.73 -30.78 29.01
C ALA B 136 11.21 -30.76 28.58
N GLY B 137 11.86 -29.62 28.71
CA GLY B 137 13.26 -29.51 28.33
C GLY B 137 13.46 -29.48 26.82
N ILE B 138 12.44 -29.02 26.10
CA ILE B 138 12.46 -28.94 24.65
C ILE B 138 13.07 -27.61 24.22
N THR B 139 13.90 -27.64 23.18
CA THR B 139 14.40 -26.42 22.57
C THR B 139 13.36 -25.90 21.59
N VAL B 140 13.09 -24.61 21.66
CA VAL B 140 12.17 -23.95 20.73
C VAL B 140 12.98 -22.89 19.99
N ALA B 141 12.93 -22.91 18.67
CA ALA B 141 13.74 -21.99 17.87
C ALA B 141 12.94 -21.57 16.63
N GLU B 142 13.34 -20.44 16.05
CA GLU B 142 12.69 -19.87 14.87
C GLU B 142 13.73 -19.08 14.09
N GLU B 143 13.41 -18.75 12.84
CA GLU B 143 14.41 -18.05 12.01
C GLU B 143 14.25 -16.55 12.11
N THR B 144 14.78 -16.00 13.20
CA THR B 144 14.72 -14.58 13.49
C THR B 144 15.09 -13.73 12.28
N PHE B 145 14.29 -12.70 12.04
CA PHE B 145 14.41 -11.76 10.91
C PHE B 145 14.11 -12.35 9.52
N SER B 146 13.92 -13.65 9.41
CA SER B 146 13.82 -14.27 8.08
C SER B 146 12.71 -13.68 7.22
N ASN B 147 11.58 -13.35 7.82
CA ASN B 147 10.49 -12.80 7.03
C ASN B 147 9.95 -11.48 7.59
N GLY B 148 10.75 -10.81 8.42
CA GLY B 148 10.32 -9.56 9.02
C GLY B 148 10.12 -8.42 8.04
N ILE B 149 10.99 -8.31 7.04
CA ILE B 149 10.81 -7.25 6.07
C ILE B 149 9.52 -7.47 5.27
N CYS B 150 9.18 -8.73 5.00
CA CYS B 150 7.95 -9.06 4.30
C CYS B 150 6.76 -8.49 5.04
N VAL B 151 6.76 -8.68 6.36
CA VAL B 151 5.67 -8.21 7.21
C VAL B 151 5.61 -6.70 7.21
N ALA B 152 6.77 -6.05 7.32
CA ALA B 152 6.79 -4.58 7.34
C ALA B 152 6.15 -4.02 6.07
N GLU B 153 6.46 -4.60 4.92
CA GLU B 153 5.88 -4.15 3.67
C GLU B 153 4.37 -4.35 3.68
N HIS B 154 3.93 -5.53 4.12
CA HIS B 154 2.50 -5.85 4.18
C HIS B 154 1.75 -4.86 5.07
N ALA B 155 2.35 -4.53 6.21
CA ALA B 155 1.72 -3.63 7.18
C ALA B 155 1.57 -2.23 6.61
N VAL B 156 2.61 -1.70 5.97
CA VAL B 156 2.53 -0.37 5.40
C VAL B 156 1.51 -0.35 4.25
N MET B 157 1.53 -1.40 3.44
CA MET B 157 0.54 -1.58 2.39
C MET B 157 -0.88 -1.49 2.95
N MET B 158 -1.12 -2.20 4.06
CA MET B 158 -2.44 -2.23 4.68
C MET B 158 -2.83 -0.89 5.30
N ILE B 159 -1.86 -0.20 5.90
CA ILE B 159 -2.13 1.14 6.43
C ILE B 159 -2.65 2.05 5.31
N LEU B 160 -1.91 2.07 4.20
CA LEU B 160 -2.30 2.91 3.06
C LEU B 160 -3.65 2.50 2.50
N ALA B 161 -3.87 1.19 2.33
CA ALA B 161 -5.14 0.72 1.76
C ALA B 161 -6.33 1.15 2.61
N LEU B 162 -6.18 1.09 3.93
CA LEU B 162 -7.26 1.49 4.83
C LEU B 162 -7.52 2.98 4.76
N VAL B 163 -6.48 3.77 4.95
CA VAL B 163 -6.63 5.22 5.01
CA VAL B 163 -6.69 5.21 5.02
C VAL B 163 -7.18 5.77 3.68
N ARG B 164 -6.70 5.21 2.58
CA ARG B 164 -7.09 5.71 1.26
C ARG B 164 -8.35 5.08 0.67
N ASN B 165 -8.90 4.07 1.35
CA ASN B 165 -10.13 3.39 0.89
C ASN B 165 -9.92 2.62 -0.42
N TYR B 166 -8.80 1.90 -0.52
CA TYR B 166 -8.45 1.18 -1.75
C TYR B 166 -9.41 0.05 -2.08
N LEU B 167 -9.71 -0.82 -1.12
CA LEU B 167 -10.37 -2.08 -1.44
C LEU B 167 -11.79 -1.93 -1.98
N PRO B 168 -12.62 -1.09 -1.35
CA PRO B 168 -13.95 -0.88 -1.93
C PRO B 168 -13.88 -0.17 -3.29
N SER B 169 -12.88 0.67 -3.48
CA SER B 169 -12.73 1.39 -4.74
C SER B 169 -12.32 0.44 -5.88
N HIS B 170 -11.47 -0.54 -5.59
CA HIS B 170 -11.11 -1.55 -6.59
C HIS B 170 -12.34 -2.35 -6.98
N LYS B 171 -13.21 -2.64 -6.02
CA LYS B 171 -14.45 -3.36 -6.32
C LYS B 171 -15.31 -2.56 -7.31
N ILE B 172 -15.43 -1.25 -7.10
CA ILE B 172 -16.18 -0.41 -8.02
C ILE B 172 -15.60 -0.47 -9.44
N ALA B 173 -14.27 -0.43 -9.56
CA ALA B 173 -13.63 -0.56 -10.85
C ALA B 173 -13.97 -1.90 -11.52
N GLU B 174 -13.85 -2.99 -10.78
CA GLU B 174 -14.13 -4.32 -11.32
C GLU B 174 -15.57 -4.47 -11.76
N GLU B 175 -16.49 -3.83 -11.04
N GLU B 175 -16.50 -3.86 -11.03
CA GLU B 175 -17.91 -4.04 -11.25
CA GLU B 175 -17.93 -4.08 -11.30
C GLU B 175 -18.54 -3.09 -12.26
C GLU B 175 -18.55 -3.08 -12.27
N GLY B 176 -17.73 -2.21 -12.84
CA GLY B 176 -18.20 -1.33 -13.90
C GLY B 176 -18.58 0.08 -13.51
N GLY B 177 -18.34 0.47 -12.26
CA GLY B 177 -18.72 1.79 -11.79
C GLY B 177 -17.62 2.83 -11.97
N TRP B 178 -17.90 4.03 -11.48
CA TRP B 178 -16.93 5.12 -11.49
C TRP B 178 -17.05 5.76 -10.11
N ASN B 179 -18.14 6.48 -9.88
CA ASN B 179 -18.58 6.75 -8.52
C ASN B 179 -17.49 7.37 -7.66
N ILE B 180 -16.89 8.46 -8.16
CA ILE B 180 -15.78 9.05 -7.43
C ILE B 180 -16.19 9.45 -6.01
N ALA B 181 -17.37 10.06 -5.86
CA ALA B 181 -17.79 10.48 -4.53
C ALA B 181 -17.85 9.32 -3.55
N ASP B 182 -18.34 8.16 -4.01
CA ASP B 182 -18.40 6.98 -3.16
C ASP B 182 -16.97 6.52 -2.79
N CYS B 183 -16.07 6.54 -3.77
CA CYS B 183 -14.69 6.13 -3.51
C CYS B 183 -14.00 7.04 -2.48
N VAL B 184 -14.22 8.34 -2.59
CA VAL B 184 -13.42 9.28 -1.80
C VAL B 184 -14.09 9.78 -0.54
N SER B 185 -15.35 9.43 -0.35
CA SER B 185 -16.06 9.87 0.86
C SER B 185 -15.38 9.37 2.14
N ARG B 186 -14.56 8.32 2.01
CA ARG B 186 -13.79 7.77 3.13
C ARG B 186 -12.28 7.69 2.80
N SER B 187 -11.82 8.50 1.85
CA SER B 187 -10.42 8.44 1.41
C SER B 187 -9.62 9.64 1.94
N TYR B 188 -8.61 9.34 2.74
CA TYR B 188 -7.72 10.35 3.32
C TYR B 188 -6.30 10.10 2.92
N ASP B 189 -5.46 11.13 2.98
CA ASP B 189 -4.01 10.93 2.90
C ASP B 189 -3.46 10.51 4.26
N LEU B 190 -2.38 9.75 4.23
CA LEU B 190 -1.64 9.42 5.44
C LEU B 190 -0.80 10.62 5.92
N GLU B 191 -0.33 11.45 4.99
CA GLU B 191 0.55 12.58 5.31
C GLU B 191 0.05 13.38 6.52
N GLY B 192 0.93 13.59 7.50
CA GLY B 192 0.59 14.43 8.62
C GLY B 192 -0.13 13.74 9.77
N MET B 193 -0.60 12.51 9.55
CA MET B 193 -1.25 11.75 10.60
CA MET B 193 -1.26 11.75 10.59
C MET B 193 -0.24 11.30 11.65
N HIS B 194 -0.74 11.01 12.85
CA HIS B 194 0.07 10.43 13.90
C HIS B 194 -0.05 8.92 13.77
N VAL B 195 1.09 8.27 13.61
CA VAL B 195 1.14 6.82 13.42
C VAL B 195 2.06 6.19 14.46
N GLY B 196 1.57 5.16 15.13
CA GLY B 196 2.35 4.52 16.18
C GLY B 196 2.50 3.03 15.99
N THR B 197 3.63 2.47 16.43
CA THR B 197 3.79 1.02 16.47
C THR B 197 3.81 0.49 17.89
N VAL B 198 3.18 -0.65 18.09
CA VAL B 198 3.38 -1.41 19.32
C VAL B 198 4.63 -2.23 19.09
N ALA B 199 5.68 -1.86 19.82
CA ALA B 199 7.05 -2.37 19.68
C ALA B 199 7.83 -1.69 18.55
N ALA B 200 9.14 -1.56 18.77
CA ALA B 200 10.07 -1.11 17.75
C ALA B 200 11.17 -2.15 17.61
N GLY B 201 10.76 -3.41 17.54
CA GLY B 201 11.69 -4.51 17.33
C GLY B 201 12.08 -4.61 15.87
N ARG B 202 12.46 -5.80 15.44
CA ARG B 202 12.93 -5.95 14.07
C ARG B 202 11.88 -5.49 13.05
N ILE B 203 10.64 -5.94 13.21
CA ILE B 203 9.58 -5.55 12.28
C ILE B 203 9.07 -4.14 12.57
N GLY B 204 8.85 -3.80 13.84
CA GLY B 204 8.36 -2.46 14.18
C GLY B 204 9.27 -1.36 13.67
N LEU B 205 10.58 -1.53 13.84
CA LEU B 205 11.54 -0.56 13.34
C LEU B 205 11.52 -0.47 11.82
N ALA B 206 11.43 -1.61 11.15
CA ALA B 206 11.35 -1.61 9.69
C ALA B 206 10.10 -0.85 9.20
N VAL B 207 9.01 -0.97 9.94
CA VAL B 207 7.79 -0.24 9.62
C VAL B 207 7.96 1.26 9.85
N LEU B 208 8.52 1.63 10.99
CA LEU B 208 8.77 3.04 11.29
C LEU B 208 9.65 3.67 10.21
N ARG B 209 10.69 2.96 9.77
CA ARG B 209 11.57 3.48 8.73
C ARG B 209 10.84 3.69 7.41
N ARG B 210 9.96 2.75 7.07
CA ARG B 210 9.21 2.86 5.82
C ARG B 210 8.16 3.96 5.90
N LEU B 211 7.65 4.23 7.10
CA LEU B 211 6.67 5.30 7.29
C LEU B 211 7.28 6.70 7.26
N LYS B 212 8.54 6.81 7.66
CA LYS B 212 9.17 8.12 7.82
C LYS B 212 8.99 9.08 6.64
N PRO B 213 9.30 8.65 5.40
CA PRO B 213 9.19 9.59 4.28
C PRO B 213 7.75 9.95 3.89
N PHE B 214 6.77 9.32 4.52
CA PHE B 214 5.38 9.71 4.29
C PHE B 214 5.01 10.97 5.08
N ASP B 215 5.97 11.48 5.85
CA ASP B 215 5.79 12.75 6.60
C ASP B 215 4.66 12.64 7.62
N VAL B 216 4.67 11.53 8.35
CA VAL B 216 3.75 11.33 9.47
C VAL B 216 4.50 11.67 10.76
N LYS B 217 3.75 11.81 11.84
CA LYS B 217 4.33 12.00 13.17
C LYS B 217 4.38 10.64 13.85
N LEU B 218 5.58 10.18 14.18
CA LEU B 218 5.80 8.80 14.61
C LEU B 218 5.84 8.60 16.12
N HIS B 219 5.17 7.55 16.57
CA HIS B 219 5.07 7.18 17.97
C HIS B 219 5.37 5.71 18.13
N TYR B 220 5.76 5.30 19.33
CA TYR B 220 5.84 3.87 19.62
C TYR B 220 5.68 3.63 21.10
N THR B 221 5.39 2.38 21.44
CA THR B 221 5.42 1.93 22.82
C THR B 221 6.19 0.62 22.87
N ALA B 222 6.88 0.39 23.98
CA ALA B 222 7.70 -0.80 24.19
C ALA B 222 8.02 -0.84 25.67
N ARG B 223 8.56 -1.95 26.14
CA ARG B 223 8.92 -2.03 27.56
C ARG B 223 10.15 -1.19 27.93
N HIS B 224 11.01 -0.95 26.95
N HIS B 224 11.03 -0.96 26.95
CA HIS B 224 12.18 -0.10 27.20
CA HIS B 224 12.24 -0.17 27.15
C HIS B 224 12.43 0.81 26.01
C HIS B 224 12.37 0.85 26.02
N ARG B 225 13.15 1.91 26.25
CA ARG B 225 13.42 2.90 25.22
C ARG B 225 14.37 2.35 24.16
N SER B 226 14.05 2.62 22.88
CA SER B 226 14.95 2.34 21.78
C SER B 226 16.19 3.23 21.84
N PRO B 227 17.25 2.85 21.12
CA PRO B 227 18.48 3.64 21.19
C PRO B 227 18.28 5.08 20.75
N ARG B 228 19.13 5.96 21.28
CA ARG B 228 19.16 7.36 20.93
CA ARG B 228 19.11 7.36 20.93
C ARG B 228 19.18 7.55 19.41
N ALA B 229 20.05 6.80 18.74
CA ALA B 229 20.19 6.93 17.29
C ALA B 229 18.86 6.69 16.57
N ILE B 230 18.10 5.72 17.07
CA ILE B 230 16.82 5.35 16.46
C ILE B 230 15.76 6.42 16.73
N GLU B 231 15.63 6.87 17.98
CA GLU B 231 14.64 7.89 18.28
C GLU B 231 14.95 9.17 17.52
N ASP B 232 16.24 9.50 17.39
CA ASP B 232 16.64 10.70 16.64
C ASP B 232 16.43 10.55 15.13
N GLU B 233 16.84 9.41 14.59
CA GLU B 233 16.69 9.13 13.16
C GLU B 233 15.25 9.35 12.72
N LEU B 234 14.30 8.89 13.53
CA LEU B 234 12.91 8.82 13.11
C LEU B 234 11.99 9.86 13.75
N GLY B 235 12.53 10.65 14.67
CA GLY B 235 11.70 11.63 15.36
C GLY B 235 10.61 10.97 16.18
N LEU B 236 10.97 9.94 16.93
CA LEU B 236 9.99 9.17 17.67
C LEU B 236 9.53 9.81 18.97
N THR B 237 8.24 9.68 19.25
CA THR B 237 7.68 9.96 20.57
C THR B 237 7.36 8.62 21.24
N TYR B 238 7.91 8.41 22.43
CA TYR B 238 7.69 7.17 23.19
C TYR B 238 6.51 7.29 24.15
N HIS B 239 5.76 6.21 24.30
CA HIS B 239 4.71 6.08 25.30
C HIS B 239 4.95 4.83 26.10
N ALA B 240 4.72 4.91 27.41
CA ALA B 240 4.96 3.78 28.28
C ALA B 240 3.96 2.65 28.09
N THR B 241 2.77 2.99 27.59
CA THR B 241 1.71 2.00 27.41
C THR B 241 0.97 2.20 26.09
N ALA B 242 0.34 1.12 25.62
CA ALA B 242 -0.51 1.18 24.45
C ALA B 242 -1.69 2.13 24.67
N GLU B 243 -2.27 2.13 25.86
CA GLU B 243 -3.38 3.05 26.15
C GLU B 243 -2.98 4.50 25.93
N GLU B 244 -1.81 4.89 26.44
CA GLU B 244 -1.33 6.25 26.26
C GLU B 244 -1.11 6.59 24.79
N MET B 245 -0.51 5.65 24.05
CA MET B 245 -0.26 5.90 22.63
C MET B 245 -1.58 6.01 21.86
N ALA B 246 -2.56 5.20 22.25
CA ALA B 246 -3.87 5.20 21.58
C ALA B 246 -4.52 6.58 21.60
N GLU B 247 -4.29 7.33 22.68
CA GLU B 247 -4.90 8.65 22.83
C GLU B 247 -4.47 9.64 21.77
N VAL B 248 -3.27 9.45 21.22
CA VAL B 248 -2.71 10.47 20.31
C VAL B 248 -2.48 10.00 18.87
N CYS B 249 -2.75 8.73 18.58
CA CYS B 249 -2.50 8.21 17.23
C CYS B 249 -3.74 8.07 16.36
N ASP B 250 -3.57 8.40 15.08
CA ASP B 250 -4.61 8.16 14.09
C ASP B 250 -4.57 6.73 13.56
N VAL B 251 -3.37 6.17 13.53
CA VAL B 251 -3.14 4.81 13.04
C VAL B 251 -2.20 4.12 14.01
N ILE B 252 -2.50 2.86 14.36
CA ILE B 252 -1.56 2.03 15.10
C ILE B 252 -1.32 0.75 14.34
N SER B 253 -0.07 0.31 14.31
CA SER B 253 0.30 -0.98 13.75
C SER B 253 0.97 -1.81 14.83
N ILE B 254 0.52 -3.04 15.03
CA ILE B 254 1.01 -3.89 16.12
C ILE B 254 2.17 -4.78 15.66
N HIS B 255 3.26 -4.79 16.43
CA HIS B 255 4.46 -5.57 16.07
C HIS B 255 5.14 -6.22 17.27
N ALA B 256 4.36 -6.56 18.29
CA ALA B 256 4.86 -7.26 19.47
C ALA B 256 4.58 -8.76 19.35
N PRO B 257 5.33 -9.60 20.09
CA PRO B 257 5.02 -11.04 20.11
C PRO B 257 3.80 -11.31 20.98
N LEU B 258 3.21 -12.48 20.79
CA LEU B 258 2.08 -12.91 21.62
C LEU B 258 2.54 -13.74 22.81
N TYR B 259 2.22 -13.24 24.01
CA TYR B 259 2.45 -13.97 25.25
C TYR B 259 1.50 -13.34 26.27
N PRO B 260 1.45 -13.86 27.51
CA PRO B 260 0.37 -13.37 28.38
C PRO B 260 0.26 -11.83 28.54
N ALA B 261 1.36 -11.11 28.63
CA ALA B 261 1.30 -9.66 28.81
C ALA B 261 0.67 -8.94 27.63
N THR B 262 0.78 -9.51 26.43
CA THR B 262 0.23 -8.87 25.24
C THR B 262 -1.12 -9.43 24.80
N GLU B 263 -1.54 -10.53 25.41
CA GLU B 263 -2.81 -11.15 25.07
C GLU B 263 -3.97 -10.21 25.40
N HIS B 264 -4.82 -9.97 24.40
CA HIS B 264 -5.99 -9.09 24.55
C HIS B 264 -5.62 -7.66 25.00
N LEU B 265 -4.42 -7.23 24.65
CA LEU B 265 -3.99 -5.85 24.92
C LEU B 265 -4.93 -4.85 24.24
N PHE B 266 -5.25 -5.09 22.97
CA PHE B 266 -6.14 -4.22 22.24
C PHE B 266 -7.59 -4.67 22.40
N ASN B 267 -8.13 -4.35 23.56
CA ASN B 267 -9.54 -4.59 23.86
C ASN B 267 -10.26 -3.24 23.93
N ALA B 268 -11.52 -3.25 24.37
CA ALA B 268 -12.32 -2.03 24.33
C ALA B 268 -11.65 -0.88 25.08
N LYS B 269 -10.96 -1.18 26.18
CA LYS B 269 -10.33 -0.13 26.98
C LYS B 269 -9.34 0.68 26.13
N VAL B 270 -8.52 -0.02 25.36
CA VAL B 270 -7.53 0.63 24.51
C VAL B 270 -8.19 1.24 23.28
N LEU B 271 -9.08 0.48 22.63
CA LEU B 271 -9.75 0.97 21.42
C LEU B 271 -10.51 2.27 21.67
N ASN B 272 -11.17 2.35 22.83
CA ASN B 272 -11.99 3.51 23.14
C ASN B 272 -11.17 4.77 23.47
N LYS B 273 -9.87 4.59 23.72
CA LYS B 273 -8.99 5.73 23.93
C LYS B 273 -8.65 6.42 22.60
N MET B 274 -8.74 5.68 21.51
CA MET B 274 -8.46 6.27 20.20
C MET B 274 -9.54 7.27 19.82
N ARG B 275 -9.19 8.23 18.99
CA ARG B 275 -10.20 9.14 18.47
C ARG B 275 -11.13 8.38 17.53
N HIS B 276 -12.40 8.71 17.54
CA HIS B 276 -13.36 8.11 16.63
C HIS B 276 -12.83 8.22 15.20
N GLY B 277 -12.82 7.10 14.48
CA GLY B 277 -12.36 7.07 13.10
C GLY B 277 -10.89 6.74 12.93
N SER B 278 -10.27 6.16 13.95
CA SER B 278 -8.87 5.76 13.88
C SER B 278 -8.71 4.43 13.15
N TYR B 279 -7.47 4.05 12.87
CA TYR B 279 -7.17 2.85 12.09
C TYR B 279 -6.24 1.94 12.86
N LEU B 280 -6.43 0.63 12.71
CA LEU B 280 -5.59 -0.34 13.38
C LEU B 280 -5.17 -1.44 12.41
N VAL B 281 -3.86 -1.70 12.37
CA VAL B 281 -3.31 -2.78 11.56
C VAL B 281 -2.63 -3.78 12.49
N ASN B 282 -2.85 -5.06 12.24
CA ASN B 282 -2.29 -6.11 13.07
C ASN B 282 -1.76 -7.26 12.24
N THR B 283 -0.47 -7.18 11.95
CA THR B 283 0.28 -8.24 11.30
C THR B 283 1.20 -8.95 12.30
N ALA B 284 0.85 -8.86 13.58
CA ALA B 284 1.61 -9.50 14.64
C ALA B 284 0.99 -10.87 14.96
N ARG B 285 0.04 -10.89 15.90
CA ARG B 285 -0.76 -12.07 16.20
C ARG B 285 -2.18 -11.61 16.55
N ALA B 286 -3.16 -12.39 16.10
CA ALA B 286 -4.56 -12.01 16.27
C ALA B 286 -4.94 -11.78 17.73
N GLU B 287 -4.47 -12.66 18.61
CA GLU B 287 -4.90 -12.62 20.01
C GLU B 287 -4.30 -11.48 20.84
N ILE B 288 -3.46 -10.64 20.22
CA ILE B 288 -3.08 -9.39 20.86
C ILE B 288 -4.31 -8.46 20.88
N CYS B 289 -5.26 -8.70 19.98
CA CYS B 289 -6.54 -8.01 20.01
C CYS B 289 -7.62 -8.89 20.64
N ASP B 290 -8.64 -8.26 21.19
CA ASP B 290 -9.85 -8.98 21.56
C ASP B 290 -10.72 -9.05 20.30
N ARG B 291 -10.97 -10.27 19.82
CA ARG B 291 -11.60 -10.48 18.52
C ARG B 291 -12.90 -9.70 18.36
N ASP B 292 -13.83 -9.88 19.30
CA ASP B 292 -15.15 -9.26 19.17
C ASP B 292 -15.15 -7.78 19.45
N ASP B 293 -14.21 -7.30 20.27
CA ASP B 293 -14.07 -5.87 20.49
C ASP B 293 -13.67 -5.16 19.18
N ILE B 294 -12.84 -5.80 18.38
CA ILE B 294 -12.47 -5.23 17.07
C ILE B 294 -13.71 -5.10 16.19
N VAL B 295 -14.50 -6.17 16.13
CA VAL B 295 -15.71 -6.16 15.32
C VAL B 295 -16.62 -5.01 15.73
N ARG B 296 -16.85 -4.88 17.03
CA ARG B 296 -17.77 -3.86 17.51
C ARG B 296 -17.25 -2.45 17.31
N ALA B 297 -15.93 -2.27 17.38
CA ALA B 297 -15.35 -0.96 17.12
C ALA B 297 -15.57 -0.55 15.67
N LEU B 298 -15.51 -1.51 14.74
CA LEU B 298 -15.76 -1.19 13.34
C LEU B 298 -17.24 -0.95 13.08
N GLU B 299 -18.10 -1.72 13.76
CA GLU B 299 -19.53 -1.56 13.59
C GLU B 299 -20.00 -0.19 14.07
N SER B 300 -19.39 0.33 15.14
CA SER B 300 -19.77 1.64 15.68
C SER B 300 -19.05 2.80 15.02
N GLY B 301 -17.98 2.51 14.28
CA GLY B 301 -17.19 3.57 13.67
C GLY B 301 -16.08 4.09 14.56
N GLN B 302 -15.96 3.55 15.77
CA GLN B 302 -14.85 3.92 16.65
C GLN B 302 -13.53 3.69 15.89
N LEU B 303 -13.42 2.55 15.22
CA LEU B 303 -12.37 2.37 14.21
C LEU B 303 -12.99 2.61 12.85
N ALA B 304 -12.31 3.40 12.03
CA ALA B 304 -12.68 3.55 10.63
C ALA B 304 -12.23 2.36 9.79
N GLY B 305 -11.23 1.62 10.25
CA GLY B 305 -10.72 0.47 9.51
C GLY B 305 -9.80 -0.40 10.33
N TYR B 306 -9.77 -1.68 9.98
CA TYR B 306 -8.86 -2.64 10.58
C TYR B 306 -8.36 -3.55 9.47
N ALA B 307 -7.07 -3.87 9.51
CA ALA B 307 -6.52 -4.84 8.56
C ALA B 307 -5.40 -5.64 9.20
N GLY B 308 -5.27 -6.89 8.79
CA GLY B 308 -4.15 -7.70 9.22
C GLY B 308 -4.17 -9.00 8.45
N ASP B 309 -3.14 -9.82 8.66
CA ASP B 309 -3.11 -11.14 8.03
C ASP B 309 -3.22 -12.27 9.03
N VAL B 310 -3.27 -11.94 10.32
CA VAL B 310 -3.26 -12.95 11.38
C VAL B 310 -4.61 -13.11 12.05
N TRP B 311 -4.93 -14.35 12.41
CA TRP B 311 -6.27 -14.72 12.89
C TRP B 311 -6.14 -15.68 14.05
N PHE B 312 -7.24 -15.91 14.76
CA PHE B 312 -7.27 -17.01 15.70
C PHE B 312 -8.62 -17.69 15.66
N PRO B 313 -8.62 -19.04 15.62
CA PRO B 313 -7.44 -19.88 15.44
C PRO B 313 -7.00 -19.86 13.98
N GLN B 314 -5.96 -20.61 13.64
CA GLN B 314 -5.53 -20.74 12.24
C GLN B 314 -5.48 -22.21 11.85
N PRO B 315 -6.14 -22.57 10.74
CA PRO B 315 -6.86 -21.64 9.84
C PRO B 315 -8.12 -21.08 10.47
N ALA B 316 -8.49 -19.87 10.06
CA ALA B 316 -9.74 -19.28 10.51
C ALA B 316 -10.90 -20.01 9.84
N PRO B 317 -11.92 -20.37 10.61
CA PRO B 317 -13.12 -20.97 10.02
C PRO B 317 -13.77 -20.03 9.01
N ALA B 318 -14.55 -20.58 8.08
CA ALA B 318 -15.21 -19.79 7.05
C ALA B 318 -16.15 -18.73 7.64
N ASN B 319 -16.67 -18.98 8.83
CA ASN B 319 -17.58 -18.04 9.48
C ASN B 319 -16.90 -17.07 10.47
N HIS B 320 -15.58 -17.06 10.51
CA HIS B 320 -14.86 -16.16 11.42
C HIS B 320 -15.32 -14.72 11.20
N PRO B 321 -15.66 -14.00 12.29
CA PRO B 321 -16.29 -12.69 12.12
C PRO B 321 -15.39 -11.59 11.55
N TRP B 322 -14.08 -11.79 11.52
CA TRP B 322 -13.21 -10.79 10.91
C TRP B 322 -13.28 -10.77 9.38
N ARG B 323 -13.87 -11.81 8.78
CA ARG B 323 -13.92 -11.89 7.33
C ARG B 323 -14.81 -10.82 6.70
N ASN B 324 -15.97 -10.58 7.31
CA ASN B 324 -16.93 -9.67 6.68
C ASN B 324 -17.43 -8.56 7.61
N MET B 325 -16.71 -8.32 8.69
CA MET B 325 -16.94 -7.12 9.49
C MET B 325 -16.69 -5.90 8.61
N PRO B 326 -17.33 -4.77 8.97
CA PRO B 326 -17.20 -3.61 8.10
C PRO B 326 -15.78 -3.06 8.02
N HIS B 327 -15.44 -2.48 6.87
CA HIS B 327 -14.25 -1.67 6.74
C HIS B 327 -12.98 -2.42 7.10
N ASN B 328 -12.85 -3.63 6.57
CA ASN B 328 -11.67 -4.44 6.85
C ASN B 328 -10.80 -4.62 5.62
N GLY B 329 -9.51 -4.85 5.84
CA GLY B 329 -8.58 -5.12 4.76
C GLY B 329 -7.83 -6.43 4.94
N MET B 330 -8.51 -7.44 5.46
CA MET B 330 -7.86 -8.69 5.84
C MET B 330 -7.28 -9.47 4.67
N THR B 331 -6.23 -10.23 4.95
CA THR B 331 -5.83 -11.36 4.10
C THR B 331 -5.68 -12.58 5.01
N PRO B 332 -5.66 -13.78 4.43
CA PRO B 332 -5.21 -14.94 5.21
C PRO B 332 -3.75 -14.73 5.63
N HIS B 333 -3.25 -15.61 6.50
CA HIS B 333 -1.91 -15.40 7.07
C HIS B 333 -0.83 -15.71 6.05
N MET B 334 -0.36 -14.65 5.39
CA MET B 334 0.46 -14.78 4.20
C MET B 334 1.72 -13.93 4.18
N SER B 335 1.77 -12.85 4.97
CA SER B 335 2.85 -11.88 4.74
C SER B 335 4.22 -12.50 4.92
N GLY B 336 4.39 -13.25 6.00
CA GLY B 336 5.66 -13.91 6.28
C GLY B 336 5.96 -15.08 5.36
N SER B 337 5.00 -15.44 4.51
CA SER B 337 5.19 -16.56 3.57
C SER B 337 5.20 -16.09 2.11
N SER B 338 5.56 -14.84 1.86
CA SER B 338 5.88 -14.45 0.49
C SER B 338 6.97 -15.40 -0.03
N LEU B 339 7.07 -15.57 -1.33
CA LEU B 339 8.09 -16.48 -1.87
C LEU B 339 9.49 -16.02 -1.44
N SER B 340 9.67 -14.71 -1.32
CA SER B 340 10.94 -14.13 -0.90
C SER B 340 11.28 -14.51 0.55
N GLY B 341 10.29 -14.40 1.42
CA GLY B 341 10.48 -14.79 2.81
C GLY B 341 10.70 -16.29 2.97
N GLN B 342 9.97 -17.09 2.20
CA GLN B 342 10.12 -18.54 2.25
C GLN B 342 11.54 -18.97 1.96
N ALA B 343 12.17 -18.31 1.01
CA ALA B 343 13.54 -18.67 0.67
C ALA B 343 14.45 -18.55 1.90
N ARG B 344 14.25 -17.48 2.67
CA ARG B 344 15.06 -17.24 3.85
C ARG B 344 14.69 -18.15 5.01
N TYR B 345 13.40 -18.31 5.32
CA TYR B 345 13.11 -19.18 6.45
C TYR B 345 13.36 -20.66 6.17
N ALA B 346 13.19 -21.08 4.92
CA ALA B 346 13.55 -22.45 4.58
C ALA B 346 15.06 -22.68 4.68
N ALA B 347 15.85 -21.70 4.24
CA ALA B 347 17.30 -21.81 4.38
C ALA B 347 17.70 -21.84 5.86
N GLY B 348 17.04 -21.02 6.68
CA GLY B 348 17.32 -20.99 8.10
C GLY B 348 16.88 -22.24 8.83
N THR B 349 15.79 -22.85 8.39
CA THR B 349 15.31 -24.11 8.97
C THR B 349 16.38 -25.17 8.73
N ARG B 350 16.92 -25.21 7.51
CA ARG B 350 17.99 -26.13 7.21
C ARG B 350 19.26 -25.83 8.02
N GLU B 351 19.62 -24.57 8.15
CA GLU B 351 20.79 -24.18 8.92
C GLU B 351 20.69 -24.71 10.35
N ILE B 352 19.52 -24.51 10.94
CA ILE B 352 19.27 -24.96 12.31
C ILE B 352 19.37 -26.48 12.44
N LEU B 353 18.77 -27.20 11.49
CA LEU B 353 18.88 -28.66 11.49
C LEU B 353 20.32 -29.14 11.35
N GLU B 354 21.10 -28.50 10.48
CA GLU B 354 22.52 -28.85 10.35
C GLU B 354 23.23 -28.66 11.67
N CYS B 355 23.03 -27.53 12.32
CA CYS B 355 23.65 -27.30 13.62
C CYS B 355 23.23 -28.39 14.61
N TRP B 356 21.92 -28.61 14.69
CA TRP B 356 21.37 -29.59 15.62
C TRP B 356 21.98 -30.96 15.43
N PHE B 357 21.96 -31.45 14.19
CA PHE B 357 22.46 -32.80 13.91
C PHE B 357 23.98 -32.91 14.08
N GLU B 358 24.70 -31.80 13.92
CA GLU B 358 26.15 -31.80 13.99
C GLU B 358 26.65 -31.44 15.39
N ASN B 359 25.74 -31.34 16.35
CA ASN B 359 26.08 -30.99 17.72
C ASN B 359 26.81 -29.64 17.80
N ARG B 360 26.32 -28.67 17.03
CA ARG B 360 26.83 -27.30 17.08
C ARG B 360 25.69 -26.40 17.54
N PRO B 361 26.02 -25.23 18.11
CA PRO B 361 24.95 -24.39 18.65
C PRO B 361 23.97 -23.91 17.58
N ILE B 362 22.69 -23.86 17.94
CA ILE B 362 21.74 -23.09 17.17
C ILE B 362 22.04 -21.62 17.48
N ARG B 363 22.05 -20.75 16.46
CA ARG B 363 22.36 -19.34 16.72
C ARG B 363 21.57 -18.81 17.90
N ASP B 364 22.25 -18.06 18.78
CA ASP B 364 21.59 -17.46 19.91
C ASP B 364 20.35 -16.68 19.47
N GLU B 365 20.44 -15.91 18.39
CA GLU B 365 19.31 -15.07 17.99
C GLU B 365 18.10 -15.90 17.53
N TYR B 366 18.31 -17.15 17.14
CA TYR B 366 17.20 -18.03 16.74
C TYR B 366 16.49 -18.67 17.93
N LEU B 367 17.12 -18.69 19.10
CA LEU B 367 16.56 -19.38 20.26
C LEU B 367 15.39 -18.63 20.90
N ILE B 368 14.37 -19.40 21.28
CA ILE B 368 13.26 -18.91 22.08
C ILE B 368 13.27 -19.56 23.46
N VAL B 369 13.36 -20.89 23.50
CA VAL B 369 13.50 -21.65 24.74
C VAL B 369 14.66 -22.62 24.57
N SER B 370 15.51 -22.71 25.59
CA SER B 370 16.60 -23.68 25.56
C SER B 370 16.99 -23.98 27.00
N ASN B 371 17.25 -25.26 27.27
CA ASN B 371 17.72 -25.65 28.60
C ASN B 371 16.79 -25.20 29.72
N GLY B 372 15.48 -25.30 29.52
CA GLY B 372 14.52 -25.07 30.58
C GLY B 372 14.21 -23.63 30.95
N LYS B 373 14.48 -22.70 30.03
CA LYS B 373 14.18 -21.29 30.27
C LYS B 373 14.08 -20.56 28.94
N LEU B 374 13.44 -19.39 28.96
CA LEU B 374 13.56 -18.49 27.82
C LEU B 374 15.03 -18.23 27.57
N ALA B 375 15.42 -18.20 26.30
CA ALA B 375 16.82 -18.03 25.95
C ALA B 375 16.92 -17.19 24.70
N GLY B 376 18.09 -16.63 24.44
CA GLY B 376 18.30 -15.90 23.21
C GLY B 376 17.27 -14.82 22.99
N THR B 377 16.69 -14.80 21.79
CA THR B 377 15.67 -13.82 21.48
C THR B 377 14.41 -14.00 22.35
N GLY B 378 14.10 -15.25 22.73
CA GLY B 378 12.97 -15.49 23.61
C GLY B 378 13.10 -14.71 24.91
N ALA B 379 14.30 -14.73 25.50
CA ALA B 379 14.52 -14.01 26.75
C ALA B 379 14.41 -12.50 26.59
N LYS B 380 14.76 -12.00 25.40
CA LYS B 380 14.70 -10.56 25.14
C LYS B 380 13.33 -10.04 24.74
N SER B 381 12.49 -10.88 24.14
CA SER B 381 11.23 -10.42 23.55
C SER B 381 9.97 -11.00 24.17
N TYR B 382 10.07 -12.17 24.81
CA TYR B 382 8.90 -12.87 25.33
C TYR B 382 8.84 -12.85 26.86
N GLY B 383 7.69 -13.26 27.37
CA GLY B 383 7.52 -13.58 28.78
C GLY B 383 6.71 -14.86 28.83
N VAL B 384 6.70 -15.54 29.98
CA VAL B 384 5.88 -16.73 30.11
C VAL B 384 4.80 -16.55 31.19
N GLY B 385 4.57 -15.31 31.59
CA GLY B 385 3.47 -14.98 32.49
C GLY B 385 3.66 -15.44 33.92
PA NDP C . 5.42 18.09 -12.43
O1A NDP C . 5.97 18.50 -11.23
O2A NDP C . 5.14 19.05 -13.54
O5B NDP C . 6.42 16.91 -12.95
C5B NDP C . 6.26 16.30 -14.20
C4B NDP C . 7.63 15.90 -14.71
O4B NDP C . 7.43 15.18 -15.87
C3B NDP C . 8.53 17.06 -15.09
O3B NDP C . 9.42 17.35 -14.05
C2B NDP C . 9.28 16.55 -16.28
O2B NDP C . 10.66 16.44 -15.99
C1B NDP C . 8.66 15.18 -16.55
N9A NDP C . 8.44 14.92 -17.98
C8A NDP C . 7.91 15.73 -18.87
N7A NDP C . 7.95 15.19 -20.06
C5A NDP C . 8.54 14.00 -19.98
C6A NDP C . 8.96 12.97 -20.92
N6A NDP C . 8.69 13.09 -22.22
N1A NDP C . 9.48 11.94 -20.36
C2A NDP C . 9.74 11.86 -19.10
N3A NDP C . 9.47 12.76 -18.16
C4A NDP C . 8.85 13.84 -18.60
O3 NDP C . 3.96 17.36 -12.21
PN NDP C . 3.42 16.39 -11.03
O1N NDP C . 4.59 15.45 -10.62
O2N NDP C . 2.81 17.20 -9.97
O5D NDP C . 2.31 15.55 -11.82
C5D NDP C . 2.65 14.68 -12.89
C4D NDP C . 1.36 14.29 -13.61
O4D NDP C . 0.65 13.41 -12.74
C3D NDP C . 0.37 15.40 -13.82
O3D NDP C . 0.74 16.12 -15.03
C2D NDP C . -0.91 14.63 -13.98
O2D NDP C . -1.14 14.18 -15.31
C1D NDP C . -0.71 13.38 -13.09
N1N NDP C . -1.51 13.48 -11.84
C2N NDP C . -2.42 12.55 -11.52
C3N NDP C . -3.24 12.62 -10.42
C7N NDP C . -4.25 11.58 -10.01
O7N NDP C . -5.15 11.84 -9.33
N7N NDP C . -3.92 10.37 -10.41
C4N NDP C . -3.15 13.78 -9.53
C5N NDP C . -2.12 14.70 -9.91
C6N NDP C . -1.35 14.52 -11.02
P2B NDP C . 11.69 16.72 -17.29
O1X NDP C . 11.49 18.20 -17.65
O2X NDP C . 11.27 15.76 -18.36
O3X NDP C . 13.02 16.46 -16.68
N1 AZI D . -5.72 15.88 -10.19
N2 AZI D . -5.64 15.02 -10.96
N3 AZI D . -5.58 14.14 -11.73
C1 EDO E . -15.30 16.66 7.86
O1 EDO E . -14.46 15.93 8.76
C2 EDO E . -15.29 18.13 8.27
O2 EDO E . -15.78 18.22 9.62
H11 EDO E . -14.94 16.56 6.83
H12 EDO E . -16.32 16.26 7.91
HO1 EDO E . -14.45 14.99 8.50
H21 EDO E . -14.28 18.53 8.21
H22 EDO E . -15.93 18.71 7.60
HO2 EDO E . -15.79 19.15 9.89
C1 EDO F . -5.15 35.08 -2.93
O1 EDO F . -5.92 36.29 -2.98
C2 EDO F . -3.65 35.33 -2.69
O2 EDO F . -3.02 36.07 -3.75
H11 EDO F . -5.53 34.46 -2.12
H12 EDO F . -5.28 34.53 -3.86
HO1 EDO F . -6.85 36.08 -3.13
H21 EDO F . -3.52 35.88 -1.76
H22 EDO F . -3.15 34.37 -2.59
HO2 EDO F . -2.08 36.19 -3.55
C1 EDO G . 28.11 11.94 -15.56
O1 EDO G . 27.87 11.53 -14.23
C2 EDO G . 28.13 10.79 -16.60
O2 EDO G . 26.82 10.52 -17.12
H11 EDO G . 27.31 12.64 -15.81
H12 EDO G . 29.05 12.49 -15.59
HO1 EDO G . 28.46 10.80 -14.01
H21 EDO G . 28.77 11.08 -17.43
H22 EDO G . 28.54 9.90 -16.15
HO2 EDO G . 26.45 11.32 -17.51
PA NDP H . 11.37 -8.96 17.77
O1A NDP H . 12.55 -8.34 16.97
O2A NDP H . 11.67 -10.00 18.79
O5B NDP H . 10.68 -7.67 18.43
C5B NDP H . 9.59 -7.79 19.34
C4B NDP H . 9.58 -6.54 20.17
O4B NDP H . 8.46 -6.62 21.03
C3B NDP H . 10.80 -6.44 21.09
O3B NDP H . 11.70 -5.50 20.57
C2B NDP H . 10.18 -5.96 22.38
O2B NDP H . 10.73 -4.73 22.83
C1B NDP H . 8.70 -5.75 22.08
N9A NDP H . 7.79 -6.16 23.20
C8A NDP H . 7.86 -7.26 23.90
N7A NDP H . 6.93 -7.33 24.83
C5A NDP H . 6.25 -6.21 24.75
C6A NDP H . 5.09 -5.62 25.42
N6A NDP H . 4.55 -6.25 26.44
N1A NDP H . 4.68 -4.47 24.97
C2A NDP H . 5.23 -3.85 23.98
N3A NDP H . 6.31 -4.30 23.28
C4A NDP H . 6.78 -5.47 23.64
O3 NDP H . 10.30 -9.64 16.79
PN NDP H . 9.90 -9.24 15.26
O1N NDP H . 9.82 -7.70 15.23
O2N NDP H . 10.74 -9.95 14.30
O5D NDP H . 8.44 -9.96 15.26
C5D NDP H . 7.38 -9.48 16.09
C4D NDP H . 6.18 -10.41 15.96
O4D NDP H . 5.58 -10.28 14.68
C3D NDP H . 6.61 -11.90 16.09
O3D NDP H . 6.80 -12.30 17.45
C2D NDP H . 5.46 -12.57 15.41
O2D NDP H . 4.37 -12.81 16.34
C1D NDP H . 4.95 -11.53 14.40
N1N NDP H . 5.26 -11.89 13.01
C2N NDP H . 4.28 -12.01 12.11
C3N NDP H . 4.45 -12.43 10.82
C7N NDP H . 3.37 -12.52 9.79
O7N NDP H . 3.46 -13.28 8.90
N7N NDP H . 2.34 -11.70 9.93
C4N NDP H . 5.79 -12.82 10.37
C5N NDP H . 6.77 -12.65 11.41
C6N NDP H . 6.51 -12.22 12.69
P2B NDP H . 10.81 -4.34 24.45
O1X NDP H . 11.70 -5.38 25.03
O2X NDP H . 9.44 -4.44 25.01
O3X NDP H . 11.42 -2.94 24.50
N1 AZI I . 4.14 -15.49 11.26
N2 AZI I . 5.15 -15.84 10.81
N3 AZI I . 6.16 -16.19 10.35
C1 EDO J . 25.91 -22.91 9.67
O1 EDO J . 26.35 -23.14 11.01
C2 EDO J . 25.05 -24.07 9.17
O2 EDO J . 25.80 -25.29 8.99
H11 EDO J . 25.33 -21.98 9.63
H12 EDO J . 26.78 -22.80 9.02
HO1 EDO J . 26.89 -22.39 11.30
H21 EDO J . 24.24 -24.25 9.89
H22 EDO J . 24.59 -23.79 8.21
HO2 EDO J . 25.22 -25.99 8.67
C1 EDO K . -9.15 -9.29 -7.28
O1 EDO K . -10.02 -8.60 -6.35
C2 EDO K . -8.59 -8.26 -8.25
O2 EDO K . -9.72 -7.58 -8.82
H11 EDO K . -8.34 -9.77 -6.73
H12 EDO K . -9.72 -10.05 -7.81
HO1 EDO K . -10.39 -9.24 -5.72
H21 EDO K . -7.94 -7.56 -7.73
H22 EDO K . -8.02 -8.76 -9.04
HO2 EDO K . -9.40 -6.91 -9.45
#